data_7EW4
#
_entry.id   7EW4
#
_cell.length_a   1.00
_cell.length_b   1.00
_cell.length_c   1.00
_cell.angle_alpha   90.00
_cell.angle_beta   90.00
_cell.angle_gamma   90.00
#
_symmetry.space_group_name_H-M   'P 1'
#
loop_
_entity.id
_entity.type
_entity.pdbx_description
1 polymer 'Guanine nucleotide-binding protein G(i) subunit alpha-1'
2 polymer 'Guanine nucleotide-binding protein G(I)/G(S)/G(T) subunit beta-1'
3 polymer 'Guanine nucleotide-binding protein G(I)/G(S)/G(O) subunit gamma-2'
4 polymer 'Sphingosine 1-phosphate receptor 3'
5 polymer scFV16
6 non-polymer N,N-dicyclohexyl-5-cyclopropyl-1,2-oxazole-3-carboxamide
7 non-polymer 'PALMITIC ACID'
#
loop_
_entity_poly.entity_id
_entity_poly.type
_entity_poly.pdbx_seq_one_letter_code
_entity_poly.pdbx_strand_id
1 'polypeptide(L)'
;MGCTLSAEDKAAVERSKMIDRNLREDGEKAAREVKLLLLGAGESGKSTIVKQMKIIHEAGYSEEECKQYKAVVYSNTIQS
IIAIIRAMGRLKIDFGDSARADDARQLFVLAGAAEEGFMTAELAGVIKRLWKDSGVQACFNRSREYQLNDSAAYYLNDLD
RIAQPNYIPTQQDVLRTRVKTTGIVETHFTFKDLHFKMFDVGGQRSERKKWIHCFEGVTAIIFCVALSDYDLVLAEDEEM
NRMHESMKLFDSICNNKWFTDTSIILFLNKKDLFEEKIKKSPLTICYPEYAGSNTYEEAAAYIQCQFEDLNKRKDTKEIY
THFTCATDTKNVQFVFDAVTDVIIKNNLKDCGLF
;
A
2 'polypeptide(L)'
;MHHHHLEVLFQGPGSSGSELDQLRQEAEQLKNQIRDARKACADATLSQITNNIDPVGRIQMRTRRTLRGHLAKIYAMHWG
TDSRLLVSASQDGKLIIWDSYTTNKVHAIPLRSSWVMTCAYAPSGNYVACGGLDNICSIYNLKTREGNVRVSRELAGHTG
YLSCCRFLDDNQIVTSSGDTTCALWDIETGQQTTTFTGHTGDVMSLSLAPDTRLFVSGACDASAKLWDVREGMCRQTFTG
HESDINAICFFPNGNAFATGSDDATCRLFDLRADQELMTYSHDNIICGITSVSFSKSGRLLLAGYDDFNCNVWDALKADR
AGVLAGHDNRVSCLGVTDDGMAVATGSWDSFLKIWN
;
B
3 'polypeptide(L)' MASNNTASIAQARKLVEQLKMEANIDRIKVSKAAADLMAYCEAHAKEDPLLTPVPASENPFREKKFFCAIL C
4 'polypeptide(L)'
;MKTIIALSYIFCLVFADYKDDDDAHHHHHHHHHHMATALPPRLQPVRGNETLREHYQYVGKLAGRLKEASEGSTLTTVLF
LVICSFIVLENLMVLIAIWKNNKFHNRMYFFIGNLALCDLLAGIAYKVNILMSGKKTFSLSPTVWFLREGSMFVALGAST
CSLLAIAIERHLTMIKMRPYDANKRHRVFLLIGMCWLIAFTLGALPILGWNCLHNLPDCSTILPLYSKKYIAFCISIFTA
ILVTIVILYARIYFLVKSSSRKVANHNNSERSMALLRTVVIVVSVFIACWSPLFILFLIDVACRVQACPILFKAQWFIVL
AVLNSAMNPVIYTLASKEMRRAFFRLVCNCLVRGRGARASPIQPALDPSRSKSSSSNNSSHSPKVKEDLPHTAPSSCIMD
KNAALQNGIFCN
;
R
5 'polypeptide(L)'
;DVQLVESGGGLVQPGGSRKLSCSASGFAFSSFGMHWVRQAPEKGLEWVAYISSGSGTIYYADTVKGRFTISRDDPKNTLF
LQMTSLRSEDTAMYYCVRSIYYYGSSPFDFWGQGTTLTVSSGGGGSGGGGSGGGGSDIVMTQATSSVPVTPGESVSISCR
SSKSLLHSNGNTYLYWFLQRPGQSPQLLIYRMSNLASGVPDRFSGSGSGTAFTLTISRLEAEDVGVYYCMQHLEYPLTFG
AGTKLELKAAAENLYFQGHHHHHHHH
;
S
#
loop_
_chem_comp.id
_chem_comp.type
_chem_comp.name
_chem_comp.formula
JF9 non-polymer N,N-dicyclohexyl-5-cyclopropyl-1,2-oxazole-3-carboxamide 'C19 H28 N2 O2'
PLM non-polymer 'PALMITIC ACID' 'C16 H32 O2'
#
# COMPACT_ATOMS: atom_id res chain seq x y z
N GLY A 2 10.04 22.85 -6.33
CA GLY A 2 10.83 23.77 -5.53
C GLY A 2 10.77 25.20 -6.04
N CYS A 3 10.15 25.39 -7.21
CA CYS A 3 10.04 26.72 -7.78
C CYS A 3 9.19 27.64 -6.90
N THR A 4 8.09 27.11 -6.35
CA THR A 4 7.19 27.87 -5.50
C THR A 4 7.03 27.22 -4.13
N LEU A 5 8.04 26.48 -3.69
CA LEU A 5 8.02 25.77 -2.41
C LEU A 5 8.98 26.45 -1.45
N SER A 6 8.50 26.69 -0.22
CA SER A 6 9.32 27.31 0.81
C SER A 6 10.29 26.28 1.41
N ALA A 7 11.17 26.77 2.27
CA ALA A 7 12.16 25.89 2.91
C ALA A 7 11.47 24.83 3.77
N GLU A 8 10.44 25.23 4.52
CA GLU A 8 9.69 24.27 5.32
C GLU A 8 9.02 23.23 4.43
N ASP A 9 8.49 23.66 3.28
CA ASP A 9 7.90 22.72 2.34
C ASP A 9 8.94 21.75 1.79
N LYS A 10 10.15 22.24 1.50
CA LYS A 10 11.22 21.36 1.05
C LYS A 10 11.60 20.35 2.12
N ALA A 11 11.66 20.79 3.39
CA ALA A 11 11.97 19.86 4.47
C ALA A 11 10.87 18.82 4.63
N ALA A 12 9.60 19.23 4.49
CA ALA A 12 8.51 18.27 4.57
C ALA A 12 8.58 17.26 3.43
N VAL A 13 8.92 17.72 2.22
CA VAL A 13 9.07 16.82 1.09
C VAL A 13 10.20 15.83 1.33
N GLU A 14 11.32 16.30 1.88
CA GLU A 14 12.43 15.41 2.20
C GLU A 14 12.04 14.38 3.25
N ARG A 15 11.28 14.80 4.26
CA ARG A 15 10.81 13.87 5.27
C ARG A 15 9.87 12.82 4.66
N SER A 16 8.98 13.25 3.76
CA SER A 16 8.10 12.30 3.09
C SER A 16 8.89 11.31 2.25
N LYS A 17 9.92 11.77 1.55
CA LYS A 17 10.76 10.88 0.77
C LYS A 17 11.48 9.87 1.67
N MET A 18 11.98 10.32 2.82
CA MET A 18 12.61 9.40 3.76
C MET A 18 11.63 8.36 4.27
N ILE A 19 10.40 8.78 4.58
CA ILE A 19 9.38 7.83 5.03
C ILE A 19 9.07 6.83 3.92
N ASP A 20 8.98 7.30 2.68
CA ASP A 20 8.75 6.40 1.54
C ASP A 20 9.86 5.37 1.41
N ARG A 21 11.12 5.83 1.55
CA ARG A 21 12.25 4.90 1.48
C ARG A 21 12.19 3.86 2.59
N ASN A 22 11.88 4.29 3.81
CA ASN A 22 11.78 3.35 4.92
C ASN A 22 10.66 2.33 4.69
N LEU A 23 9.51 2.80 4.21
CA LEU A 23 8.40 1.90 3.94
C LEU A 23 8.75 0.88 2.85
N ARG A 24 9.41 1.34 1.78
CA ARG A 24 9.81 0.43 0.72
C ARG A 24 10.81 -0.60 1.22
N GLU A 25 11.78 -0.17 2.04
CA GLU A 25 12.73 -1.11 2.61
C GLU A 25 12.04 -2.14 3.49
N ASP A 26 11.10 -1.71 4.32
CA ASP A 26 10.38 -2.63 5.19
C ASP A 26 9.56 -3.62 4.38
N GLY A 27 8.91 -3.14 3.32
CA GLY A 27 8.14 -4.04 2.48
C GLY A 27 9.00 -5.06 1.76
N GLU A 28 10.15 -4.62 1.24
CA GLU A 28 11.07 -5.55 0.59
C GLU A 28 11.59 -6.58 1.58
N LYS A 29 11.88 -6.16 2.81
CA LYS A 29 12.35 -7.10 3.83
C LYS A 29 11.27 -8.10 4.21
N ALA A 30 10.02 -7.66 4.32
CA ALA A 30 8.95 -8.52 4.78
C ALA A 30 8.29 -9.33 3.67
N ALA A 31 8.60 -9.06 2.40
CA ALA A 31 8.01 -9.80 1.29
C ALA A 31 8.81 -11.04 0.91
N ARG A 32 9.59 -11.61 1.85
CA ARG A 32 10.38 -12.80 1.56
C ARG A 32 10.23 -13.86 2.64
N GLU A 33 9.11 -13.84 3.38
CA GLU A 33 8.84 -14.80 4.43
C GLU A 33 7.66 -15.70 4.04
N VAL A 34 7.80 -17.00 4.31
CA VAL A 34 6.78 -17.97 3.95
C VAL A 34 5.73 -18.02 5.04
N LYS A 35 4.49 -17.69 4.68
CA LYS A 35 3.37 -17.67 5.63
C LYS A 35 2.58 -18.96 5.49
N LEU A 36 2.32 -19.62 6.63
CA LEU A 36 1.54 -20.84 6.67
C LEU A 36 0.39 -20.66 7.65
N LEU A 37 -0.75 -21.28 7.34
CA LEU A 37 -1.93 -21.22 8.19
C LEU A 37 -2.18 -22.61 8.78
N LEU A 38 -1.96 -22.76 10.08
CA LEU A 38 -2.16 -24.04 10.74
C LEU A 38 -3.58 -24.13 11.25
N LEU A 39 -4.27 -25.22 10.92
CA LEU A 39 -5.68 -25.34 11.27
C LEU A 39 -6.00 -26.80 11.56
N GLY A 40 -6.88 -27.01 12.54
CA GLY A 40 -7.28 -28.34 12.93
C GLY A 40 -8.74 -28.37 13.32
N ALA A 41 -9.25 -29.57 13.56
CA ALA A 41 -10.66 -29.77 13.91
C ALA A 41 -10.75 -30.42 15.28
N GLY A 42 -11.43 -29.74 16.20
CA GLY A 42 -11.64 -30.28 17.54
C GLY A 42 -10.32 -30.56 18.26
N GLU A 43 -10.27 -31.68 18.95
CA GLU A 43 -9.07 -32.10 19.67
C GLU A 43 -8.22 -32.96 18.73
N SER A 44 -7.22 -32.32 18.12
CA SER A 44 -6.35 -33.01 17.17
C SER A 44 -4.90 -32.80 17.63
N GLY A 45 -3.95 -33.19 16.79
CA GLY A 45 -2.56 -33.05 17.12
C GLY A 45 -1.98 -31.72 16.66
N LYS A 46 -2.72 -30.63 16.88
CA LYS A 46 -2.24 -29.31 16.50
C LYS A 46 -0.99 -28.93 17.30
N SER A 47 -1.12 -28.85 18.62
CA SER A 47 0.02 -28.50 19.45
C SER A 47 1.13 -29.52 19.32
N THR A 48 0.79 -30.76 18.98
CA THR A 48 1.81 -31.78 18.77
C THR A 48 2.77 -31.36 17.67
N ILE A 49 2.24 -31.02 16.49
CA ILE A 49 3.11 -30.60 15.40
C ILE A 49 3.68 -29.21 15.67
N VAL A 50 3.01 -28.40 16.50
CA VAL A 50 3.65 -27.15 16.91
C VAL A 50 4.95 -27.41 17.65
N LYS A 51 4.96 -28.36 18.57
CA LYS A 51 6.20 -28.74 19.25
C LYS A 51 7.20 -29.41 18.30
N GLN A 52 6.72 -30.26 17.38
CA GLN A 52 7.67 -30.87 16.45
C GLN A 52 8.35 -29.82 15.56
N MET A 53 7.60 -28.86 15.03
CA MET A 53 8.16 -27.89 14.11
C MET A 53 8.88 -26.74 14.82
N LYS A 54 8.53 -26.45 16.07
CA LYS A 54 9.23 -25.38 16.80
C LYS A 54 10.64 -25.79 17.16
N ILE A 55 10.82 -27.06 17.56
CA ILE A 55 12.11 -27.65 17.99
C ILE A 55 13.03 -26.66 18.69
N THR A 181 -3.78 -11.68 23.39
CA THR A 181 -3.30 -12.18 22.11
C THR A 181 -3.81 -13.59 21.84
N THR A 182 -4.88 -13.97 22.56
CA THR A 182 -5.46 -15.30 22.38
C THR A 182 -6.20 -15.45 21.06
N GLY A 183 -6.49 -14.35 20.37
CA GLY A 183 -7.22 -14.44 19.11
C GLY A 183 -6.42 -15.16 18.03
N ILE A 184 -5.13 -14.81 17.91
CA ILE A 184 -4.26 -15.42 16.91
C ILE A 184 -2.90 -15.68 17.55
N VAL A 185 -2.30 -16.82 17.21
CA VAL A 185 -1.01 -17.22 17.73
C VAL A 185 0.00 -17.18 16.59
N GLU A 186 1.10 -16.47 16.80
CA GLU A 186 2.15 -16.30 15.81
C GLU A 186 3.34 -17.17 16.20
N THR A 187 3.82 -17.97 15.26
CA THR A 187 5.03 -18.77 15.45
C THR A 187 6.02 -18.42 14.37
N HIS A 188 7.27 -18.18 14.76
CA HIS A 188 8.33 -17.83 13.84
C HIS A 188 9.46 -18.84 13.99
N PHE A 189 9.91 -19.41 12.87
CA PHE A 189 11.06 -20.30 12.92
C PHE A 189 11.76 -20.30 11.57
N THR A 190 12.88 -21.03 11.51
CA THR A 190 13.71 -21.07 10.31
C THR A 190 14.07 -22.50 9.97
N PHE A 191 14.20 -22.76 8.67
CA PHE A 191 14.62 -24.07 8.17
C PHE A 191 15.29 -23.89 6.83
N LYS A 192 16.55 -24.32 6.73
CA LYS A 192 17.33 -24.26 5.50
C LYS A 192 17.33 -22.85 4.91
N ASP A 193 17.60 -21.87 5.78
CA ASP A 193 17.63 -20.45 5.41
C ASP A 193 16.29 -19.98 4.85
N LEU A 194 15.20 -20.58 5.32
CA LEU A 194 13.85 -20.18 4.94
C LEU A 194 13.06 -19.82 6.19
N HIS A 195 12.48 -18.63 6.20
CA HIS A 195 11.77 -18.13 7.37
C HIS A 195 10.29 -18.48 7.26
N PHE A 196 9.78 -19.18 8.26
CA PHE A 196 8.39 -19.63 8.29
C PHE A 196 7.64 -18.91 9.41
N LYS A 197 6.50 -18.33 9.05
CA LYS A 197 5.57 -17.69 9.99
C LYS A 197 4.27 -18.48 9.96
N MET A 198 3.99 -19.18 11.05
CA MET A 198 2.77 -19.98 11.19
C MET A 198 1.73 -19.21 11.98
N PHE A 199 0.49 -19.22 11.46
CA PHE A 199 -0.64 -18.57 12.11
C PHE A 199 -1.57 -19.65 12.63
N ASP A 200 -1.75 -19.70 13.95
CA ASP A 200 -2.68 -20.61 14.60
C ASP A 200 -3.87 -19.79 15.10
N VAL A 201 -5.02 -19.94 14.43
CA VAL A 201 -6.19 -19.11 14.75
C VAL A 201 -7.28 -20.02 15.28
N GLY A 202 -6.88 -21.12 15.95
CA GLY A 202 -7.85 -22.04 16.50
C GLY A 202 -8.71 -21.42 17.59
N GLY A 203 -8.15 -20.50 18.36
CA GLY A 203 -8.82 -19.89 19.48
C GLY A 203 -9.59 -18.61 19.18
N GLN A 204 -9.81 -18.27 17.90
CA GLN A 204 -10.55 -17.06 17.59
C GLN A 204 -11.99 -17.13 18.10
N ARG A 205 -12.64 -18.27 17.91
CA ARG A 205 -13.99 -18.52 18.42
C ARG A 205 -14.98 -17.46 17.92
N SER A 206 -14.99 -17.26 16.60
CA SER A 206 -15.90 -16.32 15.96
C SER A 206 -16.37 -16.94 14.65
N GLU A 207 -17.06 -16.15 13.83
CA GLU A 207 -17.51 -16.61 12.53
C GLU A 207 -16.34 -16.59 11.56
N ARG A 208 -16.04 -17.75 10.97
CA ARG A 208 -14.88 -17.87 10.10
C ARG A 208 -15.01 -17.01 8.84
N LYS A 209 -16.24 -16.82 8.35
CA LYS A 209 -16.44 -16.11 7.10
C LYS A 209 -16.14 -14.62 7.20
N LYS A 210 -15.97 -14.08 8.41
CA LYS A 210 -15.74 -12.66 8.60
C LYS A 210 -14.27 -12.29 8.78
N TRP A 211 -13.38 -13.28 8.95
CA TRP A 211 -11.96 -12.98 9.09
C TRP A 211 -11.06 -13.95 8.34
N ILE A 212 -11.62 -14.82 7.49
CA ILE A 212 -10.78 -15.75 6.75
C ILE A 212 -10.22 -15.12 5.47
N HIS A 213 -10.79 -14.01 5.02
CA HIS A 213 -10.30 -13.36 3.80
C HIS A 213 -8.97 -12.67 4.01
N CYS A 214 -8.58 -12.41 5.26
CA CYS A 214 -7.28 -11.80 5.52
C CYS A 214 -6.12 -12.79 5.36
N PHE A 215 -6.41 -14.09 5.29
CA PHE A 215 -5.40 -15.10 5.00
C PHE A 215 -5.45 -15.55 3.54
N GLU A 216 -5.94 -14.70 2.65
CA GLU A 216 -6.07 -15.08 1.24
C GLU A 216 -4.70 -15.32 0.61
N GLY A 217 -3.71 -14.51 0.96
CA GLY A 217 -2.41 -14.60 0.35
C GLY A 217 -1.46 -15.56 1.05
N VAL A 218 -2.01 -16.43 1.90
CA VAL A 218 -1.16 -17.40 2.60
C VAL A 218 -0.60 -18.41 1.61
N THR A 219 0.60 -18.89 1.89
CA THR A 219 1.27 -19.81 0.97
C THR A 219 0.63 -21.20 1.02
N ALA A 220 0.37 -21.71 2.22
CA ALA A 220 -0.16 -23.06 2.36
C ALA A 220 -0.95 -23.18 3.65
N ILE A 221 -1.83 -24.18 3.68
CA ILE A 221 -2.67 -24.47 4.84
C ILE A 221 -2.29 -25.85 5.36
N ILE A 222 -1.82 -25.91 6.61
CA ILE A 222 -1.46 -27.16 7.25
C ILE A 222 -2.67 -27.63 8.04
N PHE A 223 -3.40 -28.59 7.50
CA PHE A 223 -4.57 -29.16 8.16
C PHE A 223 -4.12 -30.22 9.17
N CYS A 224 -4.97 -30.47 10.16
CA CYS A 224 -4.66 -31.44 11.20
C CYS A 224 -5.78 -32.46 11.30
N VAL A 225 -5.44 -33.73 11.13
CA VAL A 225 -6.38 -34.84 11.30
C VAL A 225 -5.68 -35.97 12.03
N ALA A 226 -6.30 -36.49 13.07
CA ALA A 226 -5.86 -37.70 13.75
C ALA A 226 -6.80 -38.84 13.37
N LEU A 227 -6.26 -39.88 12.74
CA LEU A 227 -7.07 -40.99 12.26
C LEU A 227 -7.31 -42.04 13.32
N SER A 228 -6.81 -41.85 14.54
CA SER A 228 -7.06 -42.77 15.64
C SER A 228 -8.38 -42.49 16.35
N ASP A 229 -9.12 -41.46 15.94
CA ASP A 229 -10.39 -41.11 16.56
C ASP A 229 -11.59 -41.59 15.74
N TYR A 230 -11.40 -42.60 14.90
CA TYR A 230 -12.51 -43.11 14.09
C TYR A 230 -13.58 -43.75 14.97
N ASP A 231 -13.16 -44.47 16.01
CA ASP A 231 -14.10 -45.15 16.92
C ASP A 231 -14.46 -44.30 18.14
N LEU A 232 -13.95 -43.08 18.23
CA LEU A 232 -14.23 -42.21 19.37
C LEU A 232 -15.27 -41.18 18.97
N VAL A 233 -16.37 -41.12 19.73
CA VAL A 233 -17.47 -40.21 19.46
C VAL A 233 -17.11 -38.82 19.93
N LEU A 234 -17.91 -37.83 19.52
CA LEU A 234 -17.67 -36.45 19.92
C LEU A 234 -17.83 -36.28 21.43
N ALA A 235 -17.10 -35.31 21.97
CA ALA A 235 -17.15 -35.06 23.41
C ALA A 235 -18.48 -34.48 23.85
N GLU A 236 -19.30 -33.98 22.91
CA GLU A 236 -20.59 -33.41 23.25
C GLU A 236 -21.76 -34.34 22.97
N ASP A 237 -21.64 -35.24 21.99
CA ASP A 237 -22.71 -36.17 21.67
C ASP A 237 -22.10 -37.41 21.03
N GLU A 238 -22.87 -38.50 21.07
CA GLU A 238 -22.47 -39.77 20.50
C GLU A 238 -23.04 -40.00 19.11
N GLU A 239 -23.72 -39.00 18.53
CA GLU A 239 -24.34 -39.19 17.23
C GLU A 239 -23.30 -39.45 16.15
N MET A 240 -22.16 -38.75 16.21
CA MET A 240 -21.09 -38.92 15.24
C MET A 240 -19.76 -39.01 15.96
N ASN A 241 -18.77 -39.53 15.24
CA ASN A 241 -17.39 -39.63 15.72
C ASN A 241 -16.54 -38.54 15.06
N ARG A 242 -15.38 -38.30 15.66
CA ARG A 242 -14.60 -37.10 15.35
C ARG A 242 -14.16 -37.05 13.89
N MET A 243 -13.95 -38.22 13.28
CA MET A 243 -13.47 -38.26 11.91
C MET A 243 -14.46 -37.63 10.94
N HIS A 244 -15.75 -37.85 11.17
CA HIS A 244 -16.76 -37.24 10.29
C HIS A 244 -16.76 -35.72 10.39
N GLU A 245 -16.62 -35.17 11.60
CA GLU A 245 -16.49 -33.71 11.74
C GLU A 245 -15.22 -33.21 11.06
N SER A 246 -14.11 -33.95 11.19
CA SER A 246 -12.88 -33.54 10.52
C SER A 246 -13.07 -33.51 9.01
N MET A 247 -13.73 -34.53 8.46
CA MET A 247 -14.00 -34.56 7.02
C MET A 247 -14.91 -33.43 6.59
N LYS A 248 -15.96 -33.17 7.38
CA LYS A 248 -16.89 -32.08 7.05
C LYS A 248 -16.21 -30.71 7.08
N LEU A 249 -15.25 -30.52 7.98
CA LEU A 249 -14.55 -29.24 8.04
C LEU A 249 -13.48 -29.14 6.95
N PHE A 250 -12.83 -30.26 6.63
CA PHE A 250 -11.89 -30.28 5.50
C PHE A 250 -12.59 -29.95 4.19
N ASP A 251 -13.81 -30.49 4.00
CA ASP A 251 -14.57 -30.17 2.79
C ASP A 251 -14.89 -28.67 2.73
N SER A 252 -15.26 -28.08 3.86
CA SER A 252 -15.55 -26.65 3.90
C SER A 252 -14.31 -25.82 3.59
N ILE A 253 -13.16 -26.21 4.14
CA ILE A 253 -11.93 -25.48 3.87
C ILE A 253 -11.54 -25.59 2.40
N CYS A 254 -11.64 -26.79 1.83
CA CYS A 254 -11.23 -26.99 0.44
C CYS A 254 -12.09 -26.20 -0.52
N ASN A 255 -13.40 -26.16 -0.28
CA ASN A 255 -14.33 -25.47 -1.18
C ASN A 255 -14.43 -23.97 -0.89
N ASN A 256 -13.49 -23.41 -0.13
CA ASN A 256 -13.51 -21.99 0.15
C ASN A 256 -13.22 -21.17 -1.10
N LYS A 257 -13.88 -20.02 -1.22
CA LYS A 257 -13.69 -19.16 -2.37
C LYS A 257 -12.36 -18.42 -2.34
N TRP A 258 -11.79 -18.21 -1.15
CA TRP A 258 -10.53 -17.50 -1.01
C TRP A 258 -9.32 -18.42 -1.13
N PHE A 259 -9.51 -19.73 -1.17
CA PHE A 259 -8.43 -20.71 -1.25
C PHE A 259 -8.58 -21.61 -2.47
N THR A 260 -8.92 -21.01 -3.62
CA THR A 260 -9.04 -21.79 -4.84
C THR A 260 -7.71 -22.39 -5.27
N ASP A 261 -6.63 -21.63 -5.12
CA ASP A 261 -5.29 -22.06 -5.53
C ASP A 261 -4.32 -22.03 -4.36
N THR A 262 -4.78 -22.49 -3.19
CA THR A 262 -3.95 -22.55 -1.98
C THR A 262 -3.71 -24.02 -1.65
N SER A 263 -2.44 -24.42 -1.62
CA SER A 263 -2.08 -25.80 -1.33
C SER A 263 -2.40 -26.16 0.12
N ILE A 264 -2.72 -27.43 0.33
CA ILE A 264 -3.08 -27.96 1.63
C ILE A 264 -2.22 -29.17 1.94
N ILE A 265 -1.66 -29.21 3.14
CA ILE A 265 -0.92 -30.36 3.64
C ILE A 265 -1.79 -31.06 4.68
N LEU A 266 -1.73 -32.38 4.72
CA LEU A 266 -2.70 -33.17 5.47
C LEU A 266 -2.24 -33.51 6.88
N PHE A 267 -1.05 -34.10 7.03
CA PHE A 267 -0.49 -34.46 8.33
C PHE A 267 -1.44 -35.33 9.16
N LEU A 268 -1.66 -36.54 8.65
CA LEU A 268 -2.40 -37.56 9.39
C LEU A 268 -1.49 -38.11 10.48
N ASN A 269 -1.75 -37.74 11.72
CA ASN A 269 -0.91 -38.11 12.85
C ASN A 269 -1.64 -39.09 13.77
N LYS A 270 -0.98 -39.46 14.86
CA LYS A 270 -1.49 -40.44 15.82
C LYS A 270 -1.80 -41.77 15.13
N LYS A 271 -0.87 -42.21 14.27
CA LYS A 271 -1.08 -43.46 13.54
C LYS A 271 -0.85 -44.68 14.42
N ASP A 272 -0.02 -44.57 15.46
CA ASP A 272 0.26 -45.72 16.32
C ASP A 272 -0.99 -46.15 17.08
N LEU A 273 -1.70 -45.19 17.67
CA LEU A 273 -2.93 -45.51 18.39
C LEU A 273 -3.96 -46.12 17.45
N PHE A 274 -4.06 -45.60 16.23
CA PHE A 274 -4.97 -46.16 15.25
C PHE A 274 -4.59 -47.60 14.91
N GLU A 275 -3.29 -47.87 14.78
CA GLU A 275 -2.83 -49.23 14.48
C GLU A 275 -3.18 -50.19 15.62
N GLU A 276 -2.99 -49.75 16.87
CA GLU A 276 -3.37 -50.61 17.99
C GLU A 276 -4.88 -50.81 18.05
N LYS A 277 -5.66 -49.78 17.76
CA LYS A 277 -7.11 -49.88 17.90
C LYS A 277 -7.74 -50.69 16.77
N ILE A 278 -7.13 -50.68 15.58
CA ILE A 278 -7.74 -51.38 14.45
C ILE A 278 -7.72 -52.90 14.67
N LYS A 279 -6.80 -53.40 15.48
CA LYS A 279 -6.75 -54.83 15.75
C LYS A 279 -7.94 -55.27 16.59
N LYS A 280 -8.23 -54.56 17.67
CA LYS A 280 -9.34 -54.94 18.54
C LYS A 280 -10.68 -54.59 17.91
N SER A 281 -10.79 -53.40 17.32
CA SER A 281 -12.03 -52.94 16.73
C SER A 281 -11.81 -52.55 15.28
N PRO A 282 -12.58 -53.08 14.33
CA PRO A 282 -12.40 -52.72 12.92
C PRO A 282 -12.94 -51.33 12.64
N LEU A 283 -12.61 -50.84 11.44
CA LEU A 283 -13.07 -49.54 10.98
C LEU A 283 -14.41 -49.62 10.26
N THR A 284 -15.05 -50.78 10.24
CA THR A 284 -16.35 -50.92 9.58
C THR A 284 -17.41 -50.04 10.24
N ILE A 285 -17.25 -49.76 11.54
CA ILE A 285 -18.22 -48.89 12.23
C ILE A 285 -18.19 -47.49 11.62
N CYS A 286 -17.00 -46.96 11.37
CA CYS A 286 -16.90 -45.62 10.77
C CYS A 286 -17.29 -45.64 9.30
N TYR A 287 -16.97 -46.71 8.58
CA TYR A 287 -17.29 -46.84 7.16
C TYR A 287 -18.08 -48.13 6.96
N PRO A 288 -19.41 -48.08 7.07
CA PRO A 288 -20.20 -49.31 6.89
C PRO A 288 -20.14 -49.89 5.49
N GLU A 289 -19.76 -49.11 4.49
CA GLU A 289 -19.71 -49.57 3.11
C GLU A 289 -18.32 -49.99 2.68
N TYR A 290 -17.37 -50.08 3.60
CA TYR A 290 -16.00 -50.45 3.29
C TYR A 290 -15.74 -51.89 3.70
N ALA A 291 -15.16 -52.67 2.78
CA ALA A 291 -14.78 -54.06 3.04
C ALA A 291 -13.32 -54.23 2.66
N GLY A 292 -12.47 -54.42 3.68
CA GLY A 292 -11.04 -54.56 3.45
C GLY A 292 -10.44 -55.61 4.36
N SER A 293 -9.12 -55.74 4.27
CA SER A 293 -8.39 -56.72 5.08
C SER A 293 -8.33 -56.35 6.55
N ASN A 294 -8.74 -55.13 6.91
CA ASN A 294 -8.75 -54.67 8.31
C ASN A 294 -7.35 -54.65 8.90
N THR A 295 -6.33 -54.50 8.06
CA THR A 295 -4.95 -54.38 8.52
C THR A 295 -4.61 -52.89 8.67
N TYR A 296 -3.33 -52.60 8.90
CA TYR A 296 -2.92 -51.21 9.10
C TYR A 296 -2.73 -50.48 7.76
N GLU A 297 -1.99 -51.11 6.83
CA GLU A 297 -1.68 -50.45 5.57
C GLU A 297 -2.94 -50.19 4.75
N GLU A 298 -3.81 -51.19 4.65
CA GLU A 298 -5.03 -51.03 3.87
C GLU A 298 -5.95 -49.97 4.46
N ALA A 299 -6.10 -49.97 5.79
CA ALA A 299 -6.95 -48.96 6.43
C ALA A 299 -6.37 -47.56 6.26
N ALA A 300 -5.05 -47.41 6.40
CA ALA A 300 -4.42 -46.12 6.20
C ALA A 300 -4.59 -45.64 4.76
N ALA A 301 -4.42 -46.54 3.80
CA ALA A 301 -4.61 -46.17 2.39
C ALA A 301 -6.06 -45.76 2.12
N TYR A 302 -7.02 -46.48 2.70
CA TYR A 302 -8.43 -46.12 2.53
C TYR A 302 -8.72 -44.75 3.12
N ILE A 303 -8.19 -44.46 4.31
CA ILE A 303 -8.41 -43.16 4.93
C ILE A 303 -7.80 -42.06 4.09
N GLN A 304 -6.57 -42.28 3.60
CA GLN A 304 -5.92 -41.28 2.76
C GLN A 304 -6.72 -41.04 1.47
N CYS A 305 -7.21 -42.11 0.85
CA CYS A 305 -7.98 -41.97 -0.38
C CYS A 305 -9.28 -41.22 -0.13
N GLN A 306 -9.97 -41.53 0.98
CA GLN A 306 -11.20 -40.83 1.29
C GLN A 306 -10.95 -39.35 1.55
N PHE A 307 -9.86 -39.03 2.25
CA PHE A 307 -9.55 -37.62 2.50
C PHE A 307 -9.15 -36.89 1.22
N GLU A 308 -8.45 -37.57 0.31
CA GLU A 308 -8.07 -36.95 -0.95
C GLU A 308 -9.29 -36.74 -1.85
N ASP A 309 -10.27 -37.64 -1.78
CA ASP A 309 -11.46 -37.52 -2.62
C ASP A 309 -12.30 -36.30 -2.27
N LEU A 310 -12.08 -35.68 -1.11
CA LEU A 310 -12.82 -34.49 -0.74
C LEU A 310 -12.45 -33.29 -1.60
N ASN A 311 -11.32 -33.34 -2.29
CA ASN A 311 -10.92 -32.25 -3.17
C ASN A 311 -11.89 -32.12 -4.34
N LYS A 312 -12.21 -30.88 -4.70
CA LYS A 312 -13.15 -30.60 -5.77
C LYS A 312 -12.49 -30.05 -7.03
N ARG A 313 -11.35 -29.38 -6.90
CA ARG A 313 -10.66 -28.80 -8.06
C ARG A 313 -9.72 -29.80 -8.72
N LYS A 314 -8.73 -30.28 -7.95
CA LYS A 314 -7.75 -31.29 -8.34
C LYS A 314 -6.79 -30.81 -9.42
N ASP A 315 -6.97 -29.60 -9.95
CA ASP A 315 -6.08 -29.05 -10.97
C ASP A 315 -5.40 -27.76 -10.53
N THR A 316 -6.15 -26.81 -9.96
CA THR A 316 -5.55 -25.57 -9.49
C THR A 316 -4.80 -25.75 -8.17
N LYS A 317 -5.28 -26.66 -7.32
CA LYS A 317 -4.67 -26.90 -6.02
C LYS A 317 -4.43 -28.40 -5.85
N GLU A 318 -3.48 -28.72 -4.97
CA GLU A 318 -3.13 -30.11 -4.69
C GLU A 318 -3.03 -30.30 -3.18
N ILE A 319 -3.21 -31.55 -2.75
CA ILE A 319 -3.18 -31.91 -1.34
C ILE A 319 -2.02 -32.86 -1.11
N TYR A 320 -1.19 -32.55 -0.13
CA TYR A 320 -0.03 -33.36 0.22
C TYR A 320 -0.33 -34.14 1.49
N THR A 321 -0.10 -35.45 1.44
CA THR A 321 -0.38 -36.34 2.55
C THR A 321 0.91 -36.87 3.15
N HIS A 322 0.98 -36.89 4.48
CA HIS A 322 2.16 -37.37 5.19
C HIS A 322 1.72 -38.03 6.49
N PHE A 323 2.50 -38.99 6.95
CA PHE A 323 2.29 -39.66 8.22
C PHE A 323 3.40 -39.25 9.18
N THR A 324 3.02 -38.69 10.32
CA THR A 324 4.00 -38.17 11.26
C THR A 324 4.73 -39.30 11.97
N CYS A 325 6.01 -39.07 12.25
CA CYS A 325 6.87 -40.00 12.96
C CYS A 325 7.37 -39.34 14.24
N ALA A 326 8.10 -40.14 15.04
CA ALA A 326 8.65 -39.64 16.29
C ALA A 326 9.78 -38.64 16.09
N THR A 327 10.33 -38.53 14.89
CA THR A 327 11.43 -37.63 14.61
C THR A 327 10.91 -36.35 13.97
N ASP A 328 11.37 -35.21 14.47
CA ASP A 328 10.95 -33.92 13.92
C ASP A 328 11.46 -33.73 12.50
N THR A 329 12.55 -34.41 12.14
CA THR A 329 13.18 -34.20 10.85
C THR A 329 12.25 -34.54 9.70
N LYS A 330 11.51 -35.64 9.81
CA LYS A 330 10.60 -36.04 8.74
C LYS A 330 9.53 -34.97 8.51
N ASN A 331 8.92 -34.48 9.58
CA ASN A 331 7.86 -33.49 9.46
C ASN A 331 8.39 -32.19 8.88
N VAL A 332 9.53 -31.70 9.40
CA VAL A 332 10.05 -30.43 8.92
C VAL A 332 10.50 -30.55 7.47
N GLN A 333 11.06 -31.71 7.09
CA GLN A 333 11.48 -31.91 5.70
C GLN A 333 10.28 -31.96 4.77
N PHE A 334 9.19 -32.62 5.20
CA PHE A 334 7.98 -32.64 4.38
C PHE A 334 7.42 -31.24 4.20
N VAL A 335 7.39 -30.45 5.28
CA VAL A 335 6.91 -29.07 5.17
C VAL A 335 7.78 -28.27 4.22
N PHE A 336 9.10 -28.43 4.34
CA PHE A 336 10.02 -27.70 3.47
C PHE A 336 9.82 -28.08 2.01
N ASP A 337 9.67 -29.38 1.73
CA ASP A 337 9.47 -29.82 0.36
C ASP A 337 8.16 -29.29 -0.21
N ALA A 338 7.09 -29.33 0.59
CA ALA A 338 5.80 -28.83 0.11
C ALA A 338 5.86 -27.34 -0.18
N VAL A 339 6.45 -26.55 0.73
CA VAL A 339 6.50 -25.11 0.50
C VAL A 339 7.43 -24.78 -0.65
N THR A 340 8.51 -25.56 -0.85
CA THR A 340 9.37 -25.34 -2.00
C THR A 340 8.63 -25.61 -3.31
N ASP A 341 7.84 -26.68 -3.35
CA ASP A 341 7.05 -26.97 -4.54
C ASP A 341 6.05 -25.85 -4.82
N VAL A 342 5.38 -25.36 -3.77
CA VAL A 342 4.43 -24.26 -3.95
C VAL A 342 5.14 -23.01 -4.45
N ILE A 343 6.33 -22.73 -3.91
CA ILE A 343 7.09 -21.55 -4.33
C ILE A 343 7.48 -21.67 -5.80
N ILE A 344 7.93 -22.85 -6.22
CA ILE A 344 8.31 -23.05 -7.62
C ILE A 344 7.11 -22.87 -8.53
N LYS A 345 5.95 -23.42 -8.14
CA LYS A 345 4.76 -23.25 -8.95
C LYS A 345 4.36 -21.79 -9.06
N ASN A 346 4.41 -21.06 -7.94
CA ASN A 346 4.05 -19.64 -7.96
C ASN A 346 5.01 -18.84 -8.83
N ASN A 347 6.31 -19.13 -8.73
CA ASN A 347 7.29 -18.43 -9.55
C ASN A 347 7.09 -18.73 -11.03
N LEU A 348 6.78 -19.98 -11.37
CA LEU A 348 6.50 -20.34 -12.76
C LEU A 348 5.28 -19.60 -13.27
N LYS A 349 4.24 -19.48 -12.45
CA LYS A 349 3.06 -18.72 -12.86
C LYS A 349 3.38 -17.25 -13.04
N ASP A 350 4.22 -16.69 -12.17
CA ASP A 350 4.54 -15.27 -12.24
C ASP A 350 5.36 -14.93 -13.49
N CYS A 351 6.31 -15.78 -13.84
CA CYS A 351 7.21 -15.51 -14.96
C CYS A 351 6.65 -15.94 -16.31
N GLY A 352 5.44 -16.50 -16.33
CA GLY A 352 4.79 -16.85 -17.58
C GLY A 352 5.44 -17.98 -18.36
N LEU A 353 6.00 -18.97 -17.66
CA LEU A 353 6.51 -20.17 -18.30
C LEU A 353 5.51 -21.31 -18.29
N PHE A 354 4.30 -21.08 -17.77
CA PHE A 354 3.28 -22.12 -17.71
C PHE A 354 1.89 -21.50 -17.75
N GLY B 17 -41.17 -24.10 29.49
CA GLY B 17 -41.83 -24.24 28.20
C GLY B 17 -43.05 -23.35 28.07
N SER B 18 -44.03 -23.54 28.96
CA SER B 18 -45.23 -22.71 28.93
C SER B 18 -44.91 -21.25 29.19
N GLU B 19 -44.05 -20.98 30.19
CA GLU B 19 -43.65 -19.61 30.47
C GLU B 19 -42.91 -19.01 29.28
N LEU B 20 -42.00 -19.77 28.68
CA LEU B 20 -41.27 -19.27 27.52
C LEU B 20 -42.20 -19.00 26.35
N ASP B 21 -43.17 -19.89 26.13
CA ASP B 21 -44.11 -19.69 25.02
C ASP B 21 -44.98 -18.45 25.25
N GLN B 22 -45.49 -18.28 26.47
CA GLN B 22 -46.33 -17.11 26.75
C GLN B 22 -45.52 -15.82 26.67
N LEU B 23 -44.25 -15.87 27.09
CA LEU B 23 -43.42 -14.67 27.03
C LEU B 23 -43.05 -14.33 25.59
N ARG B 24 -42.80 -15.34 24.76
CA ARG B 24 -42.57 -15.10 23.33
C ARG B 24 -43.82 -14.54 22.67
N GLN B 25 -44.99 -15.05 23.05
CA GLN B 25 -46.23 -14.48 22.52
C GLN B 25 -46.41 -13.03 22.95
N GLU B 26 -46.08 -12.72 24.20
CA GLU B 26 -46.16 -11.34 24.67
C GLU B 26 -45.22 -10.44 23.87
N ALA B 27 -43.97 -10.88 23.67
CA ALA B 27 -43.03 -10.09 22.89
C ALA B 27 -43.53 -9.90 21.46
N GLU B 28 -44.10 -10.96 20.88
CA GLU B 28 -44.63 -10.87 19.51
C GLU B 28 -45.78 -9.87 19.44
N GLN B 29 -46.65 -9.84 20.45
CA GLN B 29 -47.78 -8.92 20.38
C GLN B 29 -47.37 -7.49 20.70
N LEU B 30 -46.34 -7.29 21.53
CA LEU B 30 -45.74 -5.95 21.62
C LEU B 30 -45.15 -5.52 20.27
N LYS B 31 -44.47 -6.43 19.57
CA LYS B 31 -43.94 -6.10 18.25
C LYS B 31 -45.06 -5.78 17.28
N ASN B 32 -46.17 -6.52 17.35
CA ASN B 32 -47.32 -6.25 16.50
C ASN B 32 -47.92 -4.88 16.80
N GLN B 33 -48.03 -4.51 18.07
CA GLN B 33 -48.49 -3.17 18.41
C GLN B 33 -47.54 -2.10 17.90
N ILE B 34 -46.23 -2.35 18.01
CA ILE B 34 -45.25 -1.39 17.53
C ILE B 34 -45.38 -1.20 16.02
N ARG B 35 -45.51 -2.29 15.28
CA ARG B 35 -45.62 -2.17 13.82
C ARG B 35 -46.96 -1.59 13.41
N ASP B 36 -48.02 -1.84 14.18
CA ASP B 36 -49.30 -1.19 13.91
C ASP B 36 -49.20 0.32 14.10
N ALA B 37 -48.52 0.76 15.16
CA ALA B 37 -48.28 2.18 15.36
C ALA B 37 -47.43 2.75 14.23
N ARG B 38 -46.42 1.98 13.78
CA ARG B 38 -45.60 2.41 12.66
C ARG B 38 -46.43 2.64 11.41
N LYS B 39 -47.31 1.67 11.09
CA LYS B 39 -48.15 1.80 9.91
C LYS B 39 -49.14 2.95 10.05
N ALA B 40 -49.69 3.14 11.25
CA ALA B 40 -50.61 4.25 11.48
C ALA B 40 -49.93 5.59 11.29
N CYS B 41 -48.69 5.72 11.78
CA CYS B 41 -47.95 6.97 11.62
C CYS B 41 -47.31 7.08 10.24
N ALA B 42 -47.24 5.99 9.47
CA ALA B 42 -46.67 6.02 8.13
C ALA B 42 -47.78 6.29 7.13
N ASP B 43 -48.18 7.55 7.05
CA ASP B 43 -49.15 7.97 6.05
C ASP B 43 -48.54 8.11 4.67
N ALA B 44 -47.27 8.49 4.59
CA ALA B 44 -46.56 8.58 3.32
C ALA B 44 -45.08 8.29 3.57
N THR B 45 -44.47 7.51 2.67
CA THR B 45 -43.08 7.16 2.81
C THR B 45 -42.19 8.36 2.50
N LEU B 46 -40.88 8.19 2.76
CA LEU B 46 -39.93 9.26 2.48
C LEU B 46 -39.86 9.57 1.00
N SER B 47 -39.96 8.54 0.15
CA SER B 47 -39.92 8.75 -1.29
C SER B 47 -41.12 9.59 -1.75
N GLN B 48 -42.30 9.31 -1.21
CA GLN B 48 -43.49 10.08 -1.58
C GLN B 48 -43.34 11.55 -1.21
N ILE B 49 -42.78 11.82 -0.04
CA ILE B 49 -42.61 13.21 0.40
C ILE B 49 -41.54 13.91 -0.43
N THR B 50 -40.45 13.23 -0.73
CA THR B 50 -39.30 13.85 -1.38
C THR B 50 -39.33 13.76 -2.91
N ASN B 51 -40.36 13.15 -3.50
CA ASN B 51 -40.45 13.12 -4.95
C ASN B 51 -40.68 14.49 -5.54
N ASN B 52 -41.21 15.44 -4.75
CA ASN B 52 -41.51 16.77 -5.28
C ASN B 52 -40.26 17.60 -5.51
N ILE B 53 -39.14 17.26 -4.86
CA ILE B 53 -37.92 18.05 -5.01
C ILE B 53 -37.28 17.76 -6.37
N ASP B 54 -36.36 18.63 -6.76
CA ASP B 54 -35.65 18.47 -8.03
C ASP B 54 -34.45 17.55 -7.83
N PRO B 55 -34.40 16.40 -8.48
CA PRO B 55 -33.24 15.51 -8.32
C PRO B 55 -32.01 16.07 -9.00
N VAL B 56 -30.85 15.65 -8.50
CA VAL B 56 -29.59 16.06 -9.10
C VAL B 56 -29.40 15.32 -10.42
N GLY B 57 -28.93 16.04 -11.43
CA GLY B 57 -28.76 15.46 -12.75
C GLY B 57 -27.63 14.44 -12.82
N ARG B 58 -26.40 14.90 -12.66
CA ARG B 58 -25.24 14.01 -12.73
C ARG B 58 -24.05 14.73 -12.13
N ILE B 59 -23.37 14.09 -11.19
CA ILE B 59 -22.19 14.63 -10.53
C ILE B 59 -20.99 13.77 -10.90
N GLN B 60 -19.88 14.42 -11.26
CA GLN B 60 -18.65 13.75 -11.66
C GLN B 60 -17.52 14.21 -10.75
N MET B 61 -16.87 13.26 -10.09
CA MET B 61 -15.74 13.53 -9.22
C MET B 61 -14.47 12.98 -9.86
N ARG B 62 -13.41 13.79 -9.85
CA ARG B 62 -12.12 13.41 -10.38
C ARG B 62 -11.11 13.21 -9.25
N THR B 63 -10.16 12.31 -9.49
CA THR B 63 -9.14 11.99 -8.49
C THR B 63 -8.11 13.10 -8.47
N ARG B 64 -8.25 14.05 -7.54
CA ARG B 64 -7.27 15.13 -7.43
C ARG B 64 -5.93 14.60 -6.93
N ARG B 65 -5.95 13.69 -5.97
CA ARG B 65 -4.74 13.12 -5.40
C ARG B 65 -4.84 11.60 -5.41
N THR B 66 -3.68 10.94 -5.43
CA THR B 66 -3.59 9.48 -5.43
C THR B 66 -2.46 9.10 -4.49
N LEU B 67 -2.81 8.80 -3.24
CA LEU B 67 -1.83 8.40 -2.24
C LEU B 67 -1.37 6.97 -2.49
N ARG B 68 -0.05 6.77 -2.48
CA ARG B 68 0.54 5.45 -2.68
C ARG B 68 1.67 5.24 -1.69
N GLY B 69 1.95 3.97 -1.40
CA GLY B 69 3.00 3.63 -0.45
C GLY B 69 2.66 2.40 0.36
N HIS B 70 1.37 2.06 0.43
CA HIS B 70 0.96 0.83 1.08
C HIS B 70 1.27 -0.38 0.20
N LEU B 71 1.58 -1.50 0.85
CA LEU B 71 1.92 -2.73 0.14
C LEU B 71 1.02 -3.89 0.54
N ALA B 72 -0.18 -3.60 1.04
CA ALA B 72 -1.13 -4.63 1.44
C ALA B 72 -2.53 -4.03 1.38
N LYS B 73 -3.53 -4.87 1.64
CA LYS B 73 -4.92 -4.43 1.58
C LYS B 73 -5.20 -3.41 2.68
N ILE B 74 -5.78 -2.27 2.29
CA ILE B 74 -6.14 -1.22 3.23
C ILE B 74 -7.51 -1.54 3.81
N TYR B 75 -7.62 -1.53 5.14
CA TYR B 75 -8.86 -1.94 5.80
C TYR B 75 -9.61 -0.82 6.50
N ALA B 76 -8.94 0.26 6.89
CA ALA B 76 -9.64 1.34 7.58
C ALA B 76 -8.91 2.66 7.38
N MET B 77 -9.67 3.74 7.45
CA MET B 77 -9.12 5.09 7.41
C MET B 77 -10.07 6.03 8.12
N HIS B 78 -9.55 7.19 8.52
CA HIS B 78 -10.36 8.19 9.20
C HIS B 78 -9.84 9.57 8.86
N TRP B 79 -10.75 10.46 8.47
CA TRP B 79 -10.39 11.84 8.18
C TRP B 79 -10.06 12.60 9.46
N GLY B 80 -9.20 13.61 9.32
CA GLY B 80 -8.84 14.44 10.46
C GLY B 80 -9.92 15.44 10.82
N THR B 81 -9.72 16.08 11.97
CA THR B 81 -10.67 17.08 12.44
C THR B 81 -10.61 18.36 11.60
N ASP B 82 -9.42 18.73 11.14
CA ASP B 82 -9.23 19.95 10.36
C ASP B 82 -9.45 19.74 8.87
N SER B 83 -9.86 18.53 8.45
CA SER B 83 -10.10 18.20 7.05
C SER B 83 -8.85 18.38 6.21
N ARG B 84 -7.68 18.14 6.80
CA ARG B 84 -6.40 18.28 6.12
C ARG B 84 -5.56 17.02 6.21
N LEU B 85 -5.59 16.31 7.33
CA LEU B 85 -4.82 15.10 7.53
C LEU B 85 -5.76 13.90 7.62
N LEU B 86 -5.20 12.72 7.38
CA LEU B 86 -5.96 11.48 7.51
C LEU B 86 -5.02 10.37 7.94
N VAL B 87 -5.60 9.24 8.32
CA VAL B 87 -4.85 8.08 8.78
C VAL B 87 -5.29 6.86 7.97
N SER B 88 -4.38 5.90 7.81
CA SER B 88 -4.68 4.71 7.03
C SER B 88 -3.95 3.51 7.61
N ALA B 89 -4.62 2.35 7.55
CA ALA B 89 -4.12 1.10 8.10
C ALA B 89 -4.30 -0.03 7.10
N SER B 90 -3.27 -0.86 6.98
CA SER B 90 -3.26 -2.00 6.08
C SER B 90 -2.67 -3.20 6.80
N GLN B 91 -2.54 -4.32 6.08
CA GLN B 91 -1.95 -5.53 6.64
C GLN B 91 -0.44 -5.54 6.60
N ASP B 92 0.19 -4.51 6.01
CA ASP B 92 1.64 -4.43 6.02
C ASP B 92 2.18 -4.21 7.43
N GLY B 93 1.33 -3.83 8.37
CA GLY B 93 1.75 -3.52 9.72
C GLY B 93 2.10 -2.06 9.94
N LYS B 94 1.76 -1.18 9.00
CA LYS B 94 2.10 0.23 9.08
C LYS B 94 0.83 1.07 9.17
N LEU B 95 0.86 2.05 10.06
CA LEU B 95 -0.20 3.04 10.20
C LEU B 95 0.36 4.38 9.70
N ILE B 96 -0.23 4.92 8.64
CA ILE B 96 0.36 6.04 7.92
C ILE B 96 -0.56 7.25 8.05
N ILE B 97 0.03 8.40 8.38
CA ILE B 97 -0.70 9.67 8.41
C ILE B 97 -0.38 10.42 7.12
N TRP B 98 -1.43 10.74 6.36
CA TRP B 98 -1.31 11.37 5.06
C TRP B 98 -1.76 12.83 5.14
N ASP B 99 -1.01 13.71 4.49
CA ASP B 99 -1.42 15.09 4.26
C ASP B 99 -2.10 15.14 2.89
N SER B 100 -3.42 15.39 2.89
CA SER B 100 -4.20 15.27 1.66
C SER B 100 -3.98 16.43 0.68
N TYR B 101 -3.32 17.51 1.11
CA TYR B 101 -3.14 18.64 0.21
C TYR B 101 -1.94 18.46 -0.70
N THR B 102 -0.76 18.24 -0.13
CA THR B 102 0.47 18.13 -0.89
C THR B 102 0.99 16.71 -1.03
N THR B 103 0.19 15.72 -0.61
CA THR B 103 0.56 14.30 -0.69
C THR B 103 1.89 14.06 0.04
N ASN B 104 1.86 14.29 1.35
CA ASN B 104 3.02 14.12 2.20
C ASN B 104 2.68 13.22 3.38
N LYS B 105 3.66 12.44 3.81
CA LYS B 105 3.52 11.53 4.93
C LYS B 105 4.05 12.21 6.19
N VAL B 106 3.19 12.33 7.20
CA VAL B 106 3.59 12.98 8.45
C VAL B 106 4.16 11.98 9.45
N HIS B 107 3.53 10.82 9.60
CA HIS B 107 3.99 9.82 10.55
C HIS B 107 3.77 8.43 10.01
N ALA B 108 4.70 7.53 10.32
CA ALA B 108 4.56 6.10 10.04
C ALA B 108 4.78 5.34 11.34
N ILE B 109 3.80 4.53 11.72
CA ILE B 109 3.79 3.85 13.01
C ILE B 109 3.80 2.34 12.76
N PRO B 110 4.79 1.61 13.27
CA PRO B 110 4.73 0.14 13.18
C PRO B 110 3.71 -0.43 14.14
N LEU B 111 3.05 -1.50 13.71
CA LEU B 111 2.02 -2.16 14.50
C LEU B 111 2.57 -3.47 15.05
N ARG B 112 2.21 -3.78 16.30
CA ARG B 112 2.65 -5.03 16.91
C ARG B 112 2.07 -6.23 16.19
N SER B 113 0.79 -6.15 15.81
CA SER B 113 0.13 -7.22 15.06
C SER B 113 -0.34 -6.65 13.74
N SER B 114 -0.01 -7.34 12.64
CA SER B 114 -0.37 -6.89 11.30
C SER B 114 -1.84 -7.14 10.98
N TRP B 115 -2.55 -7.90 11.81
CA TRP B 115 -3.96 -8.20 11.58
C TRP B 115 -4.79 -7.11 12.25
N VAL B 116 -5.04 -6.03 11.51
CA VAL B 116 -5.77 -4.88 12.00
C VAL B 116 -6.98 -4.64 11.10
N MET B 117 -8.11 -4.28 11.71
CA MET B 117 -9.35 -4.08 10.99
C MET B 117 -9.99 -2.72 11.19
N THR B 118 -9.46 -1.88 12.06
CA THR B 118 -10.07 -0.59 12.32
C THR B 118 -9.00 0.40 12.78
N CYS B 119 -9.32 1.69 12.62
CA CYS B 119 -8.46 2.76 13.11
C CYS B 119 -9.32 4.00 13.32
N ALA B 120 -8.94 4.82 14.30
CA ALA B 120 -9.69 6.01 14.64
C ALA B 120 -8.73 7.17 14.85
N TYR B 121 -9.24 8.38 14.64
CA TYR B 121 -8.47 9.60 14.80
C TYR B 121 -9.15 10.46 15.86
N ALA B 122 -8.37 10.91 16.84
CA ALA B 122 -8.94 11.66 17.95
C ALA B 122 -9.47 13.00 17.47
N PRO B 123 -10.58 13.49 18.03
CA PRO B 123 -11.08 14.82 17.64
C PRO B 123 -10.10 15.94 17.92
N SER B 124 -9.30 15.82 18.98
CA SER B 124 -8.29 16.82 19.29
C SER B 124 -7.03 16.66 18.46
N GLY B 125 -6.84 15.52 17.79
CA GLY B 125 -5.69 15.31 16.93
C GLY B 125 -4.43 14.89 17.64
N ASN B 126 -4.52 14.37 18.86
CA ASN B 126 -3.35 13.96 19.62
C ASN B 126 -3.15 12.46 19.72
N TYR B 127 -4.20 11.66 19.56
CA TYR B 127 -4.12 10.22 19.73
C TYR B 127 -4.75 9.50 18.54
N VAL B 128 -4.28 8.28 18.31
CA VAL B 128 -4.79 7.42 17.24
C VAL B 128 -5.01 6.03 17.82
N ALA B 129 -6.17 5.45 17.53
CA ALA B 129 -6.54 4.13 18.04
C ALA B 129 -6.46 3.10 16.92
N CYS B 130 -6.06 1.88 17.28
CA CYS B 130 -5.96 0.79 16.32
C CYS B 130 -6.36 -0.52 16.99
N GLY B 131 -6.79 -1.48 16.18
CA GLY B 131 -7.19 -2.78 16.72
C GLY B 131 -7.46 -3.76 15.60
N GLY B 132 -7.53 -5.04 15.99
CA GLY B 132 -7.77 -6.09 15.03
C GLY B 132 -7.98 -7.46 15.63
N LEU B 133 -7.38 -8.49 15.02
CA LEU B 133 -7.54 -9.86 15.48
C LEU B 133 -6.82 -10.15 16.78
N ASP B 134 -5.99 -9.22 17.27
CA ASP B 134 -5.24 -9.44 18.50
C ASP B 134 -6.07 -9.23 19.76
N ASN B 135 -7.33 -8.84 19.61
CA ASN B 135 -8.25 -8.61 20.73
C ASN B 135 -7.78 -7.49 21.66
N ILE B 136 -6.91 -6.62 21.15
CA ILE B 136 -6.31 -5.55 21.95
C ILE B 136 -6.44 -4.25 21.18
N CYS B 137 -6.91 -3.20 21.85
CA CYS B 137 -6.99 -1.86 21.25
C CYS B 137 -5.81 -1.04 21.75
N SER B 138 -5.02 -0.53 20.80
CA SER B 138 -3.80 0.21 21.11
C SER B 138 -4.01 1.70 20.82
N ILE B 139 -3.53 2.54 21.73
CA ILE B 139 -3.61 3.99 21.58
C ILE B 139 -2.19 4.54 21.45
N TYR B 140 -1.99 5.36 20.41
CA TYR B 140 -0.69 5.98 20.15
C TYR B 140 -0.83 7.48 20.28
N ASN B 141 0.15 8.10 20.94
CA ASN B 141 0.15 9.54 21.18
C ASN B 141 1.01 10.21 20.11
N LEU B 142 0.41 11.16 19.40
CA LEU B 142 1.12 11.84 18.31
C LEU B 142 1.93 13.03 18.83
N LYS B 143 1.28 13.94 19.55
CA LYS B 143 1.94 15.13 20.07
C LYS B 143 2.75 14.74 21.31
N THR B 144 4.01 14.41 21.09
CA THR B 144 4.92 13.98 22.16
C THR B 144 6.16 14.87 22.16
N ARG B 145 6.74 15.04 23.34
CA ARG B 145 7.99 15.80 23.44
C ARG B 145 9.09 15.14 22.63
N GLU B 146 9.15 13.82 22.63
CA GLU B 146 10.11 13.09 21.82
C GLU B 146 9.73 13.19 20.35
N GLY B 147 10.68 12.82 19.48
CA GLY B 147 10.45 12.86 18.05
C GLY B 147 9.77 11.65 17.47
N ASN B 148 9.44 10.65 18.28
CA ASN B 148 8.79 9.44 17.82
C ASN B 148 7.35 9.38 18.32
N VAL B 149 6.68 8.26 18.01
CA VAL B 149 5.32 8.01 18.45
C VAL B 149 5.33 6.76 19.31
N ARG B 150 4.74 6.86 20.50
CA ARG B 150 4.76 5.78 21.47
C ARG B 150 3.34 5.35 21.81
N VAL B 151 3.22 4.10 22.26
CA VAL B 151 1.92 3.55 22.66
C VAL B 151 1.59 4.04 24.06
N SER B 152 0.37 4.55 24.23
CA SER B 152 -0.06 5.11 25.50
C SER B 152 -0.89 4.13 26.33
N ARG B 153 -1.89 3.49 25.71
CA ARG B 153 -2.77 2.59 26.42
C ARG B 153 -3.04 1.35 25.59
N GLU B 154 -3.28 0.23 26.28
CA GLU B 154 -3.61 -1.04 25.65
C GLU B 154 -4.81 -1.64 26.38
N LEU B 155 -5.86 -1.93 25.62
CA LEU B 155 -7.09 -2.51 26.16
C LEU B 155 -7.18 -3.97 25.73
N ALA B 156 -7.31 -4.86 26.71
CA ALA B 156 -7.32 -6.30 26.48
C ALA B 156 -8.45 -6.95 27.29
N GLY B 157 -9.64 -6.37 27.25
CA GLY B 157 -10.77 -6.91 27.97
C GLY B 157 -11.69 -7.75 27.11
N HIS B 158 -11.53 -7.66 25.79
CA HIS B 158 -12.39 -8.39 24.88
C HIS B 158 -11.83 -9.79 24.61
N THR B 159 -12.72 -10.69 24.22
CA THR B 159 -12.36 -12.05 23.83
C THR B 159 -12.72 -12.34 22.37
N GLY B 160 -13.00 -11.30 21.60
CA GLY B 160 -13.28 -11.46 20.18
C GLY B 160 -12.58 -10.38 19.39
N TYR B 161 -12.50 -10.60 18.07
CA TYR B 161 -11.78 -9.68 17.20
C TYR B 161 -12.45 -8.31 17.20
N LEU B 162 -11.63 -7.27 17.35
CA LEU B 162 -12.14 -5.90 17.31
C LEU B 162 -12.46 -5.50 15.88
N SER B 163 -13.65 -4.94 15.67
CA SER B 163 -14.10 -4.57 14.33
C SER B 163 -14.20 -3.07 14.12
N CYS B 164 -14.44 -2.29 15.17
CA CYS B 164 -14.55 -0.85 15.02
C CYS B 164 -14.24 -0.19 16.36
N CYS B 165 -13.80 1.07 16.29
CA CYS B 165 -13.49 1.84 17.48
C CYS B 165 -13.53 3.32 17.12
N ARG B 166 -14.05 4.13 18.03
CA ARG B 166 -14.16 5.57 17.83
C ARG B 166 -13.88 6.29 19.13
N PHE B 167 -13.12 7.38 19.04
CA PHE B 167 -12.83 8.19 20.23
C PHE B 167 -14.07 8.94 20.67
N LEU B 168 -14.55 8.63 21.88
CA LEU B 168 -15.67 9.40 22.43
C LEU B 168 -15.24 10.84 22.71
N ASP B 169 -14.09 11.01 23.35
CA ASP B 169 -13.50 12.32 23.59
C ASP B 169 -12.00 12.11 23.80
N ASP B 170 -11.32 13.12 24.36
CA ASP B 170 -9.89 13.01 24.60
C ASP B 170 -9.55 11.92 25.60
N ASN B 171 -10.50 11.48 26.43
CA ASN B 171 -10.23 10.53 27.50
C ASN B 171 -11.04 9.24 27.44
N GLN B 172 -12.10 9.18 26.62
CA GLN B 172 -12.96 8.01 26.56
C GLN B 172 -13.00 7.45 25.14
N ILE B 173 -13.11 6.13 25.04
CA ILE B 173 -13.20 5.43 23.77
C ILE B 173 -14.30 4.38 23.87
N VAL B 174 -14.83 4.01 22.71
CA VAL B 174 -15.84 2.96 22.60
C VAL B 174 -15.41 1.99 21.50
N THR B 175 -15.48 0.69 21.79
CA THR B 175 -15.02 -0.34 20.88
C THR B 175 -16.09 -1.40 20.70
N SER B 176 -16.11 -1.99 19.50
CA SER B 176 -16.97 -3.11 19.16
C SER B 176 -16.10 -4.31 18.84
N SER B 177 -16.42 -5.46 19.42
CA SER B 177 -15.61 -6.66 19.29
C SER B 177 -16.44 -7.78 18.66
N GLY B 178 -15.75 -8.88 18.34
CA GLY B 178 -16.37 -10.05 17.77
C GLY B 178 -17.02 -10.99 18.74
N ASP B 179 -17.01 -10.66 20.04
CA ASP B 179 -17.63 -11.48 21.07
C ASP B 179 -19.05 -11.05 21.39
N THR B 180 -19.75 -10.46 20.42
CA THR B 180 -21.14 -10.03 20.56
C THR B 180 -21.32 -9.01 21.69
N THR B 181 -20.26 -8.27 22.01
CA THR B 181 -20.30 -7.26 23.06
C THR B 181 -19.63 -5.98 22.60
N CYS B 182 -20.05 -4.87 23.20
CA CYS B 182 -19.41 -3.58 23.00
C CYS B 182 -18.90 -3.07 24.35
N ALA B 183 -17.87 -2.24 24.32
CA ALA B 183 -17.26 -1.78 25.55
C ALA B 183 -16.88 -0.31 25.47
N LEU B 184 -17.34 0.47 26.44
CA LEU B 184 -16.91 1.85 26.61
C LEU B 184 -15.85 1.87 27.71
N TRP B 185 -14.65 2.31 27.36
CA TRP B 185 -13.49 2.20 28.22
C TRP B 185 -13.18 3.52 28.91
N ASP B 186 -12.06 3.53 29.63
CA ASP B 186 -11.54 4.73 30.28
C ASP B 186 -10.02 4.70 30.13
N ILE B 187 -9.50 5.55 29.26
CA ILE B 187 -8.10 5.45 28.84
C ILE B 187 -7.15 5.70 30.00
N GLU B 188 -7.47 6.68 30.86
CA GLU B 188 -6.56 7.02 31.95
C GLU B 188 -6.38 5.86 32.92
N THR B 189 -7.47 5.15 33.23
CA THR B 189 -7.39 4.01 34.13
C THR B 189 -7.06 2.72 33.39
N GLY B 190 -7.64 2.52 32.21
CA GLY B 190 -7.37 1.34 31.42
C GLY B 190 -8.36 0.21 31.56
N GLN B 191 -9.47 0.42 32.28
CA GLN B 191 -10.47 -0.61 32.49
C GLN B 191 -11.81 -0.16 31.90
N GLN B 192 -12.61 -1.14 31.50
CA GLN B 192 -13.93 -0.85 30.94
C GLN B 192 -14.80 -0.16 31.98
N THR B 193 -15.44 0.94 31.58
CA THR B 193 -16.39 1.62 32.45
C THR B 193 -17.84 1.32 32.10
N THR B 194 -18.11 0.75 30.91
CA THR B 194 -19.45 0.32 30.56
C THR B 194 -19.35 -0.85 29.59
N THR B 195 -20.24 -1.83 29.77
CA THR B 195 -20.28 -3.01 28.92
C THR B 195 -21.70 -3.17 28.37
N PHE B 196 -21.80 -3.36 27.06
CA PHE B 196 -23.08 -3.51 26.37
C PHE B 196 -23.15 -4.92 25.80
N THR B 197 -24.06 -5.73 26.34
CA THR B 197 -24.23 -7.13 25.95
C THR B 197 -25.69 -7.33 25.53
N GLY B 198 -25.97 -7.17 24.24
CA GLY B 198 -27.31 -7.38 23.74
C GLY B 198 -27.37 -8.04 22.38
N HIS B 199 -26.20 -8.39 21.83
CA HIS B 199 -26.10 -8.95 20.50
C HIS B 199 -25.90 -10.45 20.56
N THR B 200 -26.50 -11.16 19.62
CA THR B 200 -26.34 -12.60 19.49
C THR B 200 -25.36 -12.99 18.38
N GLY B 201 -24.71 -12.01 17.75
CA GLY B 201 -23.76 -12.30 16.69
C GLY B 201 -22.60 -11.32 16.73
N ASP B 202 -21.61 -11.60 15.90
CA ASP B 202 -20.40 -10.79 15.86
C ASP B 202 -20.73 -9.36 15.44
N VAL B 203 -20.19 -8.39 16.19
CA VAL B 203 -20.43 -6.98 15.93
C VAL B 203 -19.36 -6.47 14.97
N MET B 204 -19.78 -5.79 13.90
CA MET B 204 -18.88 -5.42 12.83
C MET B 204 -18.58 -3.93 12.74
N SER B 205 -19.45 -3.06 13.25
CA SER B 205 -19.22 -1.63 13.11
C SER B 205 -20.03 -0.86 14.15
N LEU B 206 -19.62 0.38 14.37
CA LEU B 206 -20.35 1.32 15.22
C LEU B 206 -20.10 2.73 14.71
N SER B 207 -20.95 3.65 15.14
CA SER B 207 -20.81 5.05 14.77
C SER B 207 -21.33 5.92 15.90
N LEU B 208 -20.60 6.99 16.21
CA LEU B 208 -20.95 7.91 17.28
C LEU B 208 -21.89 9.00 16.77
N ALA B 209 -22.79 9.42 17.65
CA ALA B 209 -23.74 10.47 17.29
C ALA B 209 -23.05 11.83 17.28
N PRO B 210 -23.53 12.77 16.45
CA PRO B 210 -22.94 14.12 16.45
C PRO B 210 -23.04 14.82 17.80
N ASP B 211 -24.11 14.58 18.55
CA ASP B 211 -24.27 15.19 19.86
C ASP B 211 -23.45 14.48 20.94
N THR B 212 -22.85 13.34 20.62
CA THR B 212 -21.92 12.63 21.50
C THR B 212 -22.60 12.22 22.81
N ARG B 213 -23.76 11.58 22.67
CA ARG B 213 -24.46 10.97 23.79
C ARG B 213 -24.96 9.56 23.54
N LEU B 214 -25.16 9.15 22.29
CA LEU B 214 -25.66 7.83 21.94
C LEU B 214 -24.80 7.27 20.82
N PHE B 215 -24.95 5.97 20.55
CA PHE B 215 -24.25 5.39 19.41
C PHE B 215 -24.96 4.13 18.94
N VAL B 216 -24.98 3.94 17.63
CA VAL B 216 -25.58 2.76 17.02
C VAL B 216 -24.49 1.76 16.69
N SER B 217 -24.86 0.48 16.69
CA SER B 217 -23.91 -0.60 16.46
C SER B 217 -24.57 -1.69 15.63
N GLY B 218 -23.85 -2.19 14.64
CA GLY B 218 -24.35 -3.22 13.75
C GLY B 218 -23.60 -4.53 13.95
N ALA B 219 -24.32 -5.64 13.86
CA ALA B 219 -23.74 -6.96 14.08
C ALA B 219 -24.18 -7.89 12.97
N CYS B 220 -23.75 -9.16 13.06
CA CYS B 220 -23.98 -10.14 12.01
C CYS B 220 -25.36 -10.77 12.08
N ASP B 221 -26.14 -10.51 13.12
CA ASP B 221 -27.48 -11.07 13.25
C ASP B 221 -28.55 -10.20 12.58
N ALA B 222 -28.16 -9.36 11.62
CA ALA B 222 -29.08 -8.53 10.85
C ALA B 222 -29.92 -7.62 11.77
N SER B 223 -29.28 -7.08 12.80
CA SER B 223 -29.95 -6.16 13.70
C SER B 223 -28.98 -5.05 14.10
N ALA B 224 -29.50 -3.83 14.15
CA ALA B 224 -28.73 -2.66 14.57
C ALA B 224 -29.29 -2.16 15.88
N LYS B 225 -28.43 -2.05 16.90
CA LYS B 225 -28.86 -1.67 18.23
C LYS B 225 -28.33 -0.29 18.59
N LEU B 226 -29.20 0.57 19.09
CA LEU B 226 -28.85 1.92 19.53
C LEU B 226 -28.67 1.91 21.04
N TRP B 227 -27.49 2.32 21.49
CA TRP B 227 -27.08 2.27 22.88
C TRP B 227 -26.90 3.69 23.40
N ASP B 228 -27.16 3.86 24.70
CA ASP B 228 -26.89 5.10 25.41
C ASP B 228 -25.56 4.99 26.13
N VAL B 229 -24.69 5.98 25.92
CA VAL B 229 -23.37 5.94 26.52
C VAL B 229 -23.47 6.13 28.03
N ARG B 230 -24.25 7.12 28.47
CA ARG B 230 -24.31 7.45 29.90
C ARG B 230 -24.95 6.34 30.70
N GLU B 231 -26.03 5.74 30.20
CA GLU B 231 -26.75 4.73 30.97
C GLU B 231 -26.25 3.33 30.66
N GLY B 232 -26.32 2.91 29.40
CA GLY B 232 -25.79 1.63 28.99
C GLY B 232 -26.81 0.50 28.95
N MET B 233 -27.95 0.74 28.32
CA MET B 233 -28.96 -0.29 28.13
C MET B 233 -29.39 -0.31 26.67
N CYS B 234 -30.15 -1.34 26.30
CA CYS B 234 -30.63 -1.48 24.92
C CYS B 234 -31.71 -0.43 24.69
N ARG B 235 -31.27 0.77 24.33
CA ARG B 235 -32.21 1.87 24.13
C ARG B 235 -33.11 1.60 22.92
N GLN B 236 -32.55 1.15 21.81
CA GLN B 236 -33.36 0.91 20.62
C GLN B 236 -32.81 -0.27 19.84
N THR B 237 -33.68 -0.87 19.01
CA THR B 237 -33.27 -1.95 18.12
C THR B 237 -33.96 -1.78 16.77
N PHE B 238 -33.31 -2.32 15.73
CA PHE B 238 -33.83 -2.29 14.38
C PHE B 238 -33.48 -3.60 13.68
N THR B 239 -34.45 -4.16 12.95
CA THR B 239 -34.26 -5.40 12.21
C THR B 239 -34.87 -5.22 10.82
N GLY B 240 -34.00 -5.07 9.80
CA GLY B 240 -34.49 -4.90 8.45
C GLY B 240 -33.65 -5.60 7.39
N HIS B 241 -32.62 -6.32 7.81
CA HIS B 241 -31.73 -7.02 6.90
C HIS B 241 -32.01 -8.51 6.88
N GLU B 242 -31.46 -9.18 5.86
CA GLU B 242 -31.47 -10.63 5.77
C GLU B 242 -30.09 -11.24 5.88
N SER B 243 -29.04 -10.43 5.92
CA SER B 243 -27.67 -10.92 6.02
C SER B 243 -26.92 -10.05 7.03
N ASP B 244 -25.60 -10.18 7.04
CA ASP B 244 -24.77 -9.48 8.00
C ASP B 244 -24.72 -7.98 7.69
N ILE B 245 -24.30 -7.20 8.69
CA ILE B 245 -24.15 -5.75 8.57
C ILE B 245 -22.66 -5.44 8.57
N ASN B 246 -22.22 -4.62 7.61
CA ASN B 246 -20.81 -4.32 7.46
C ASN B 246 -20.44 -2.89 7.80
N ALA B 247 -21.34 -1.92 7.60
CA ALA B 247 -21.01 -0.53 7.86
C ALA B 247 -22.23 0.18 8.43
N ILE B 248 -21.96 1.27 9.15
CA ILE B 248 -23.01 2.08 9.75
C ILE B 248 -22.44 3.47 10.03
N CYS B 249 -23.26 4.49 9.80
CA CYS B 249 -22.89 5.88 10.06
C CYS B 249 -24.14 6.70 10.32
N PHE B 250 -24.01 7.69 11.19
CA PHE B 250 -25.12 8.58 11.51
C PHE B 250 -25.34 9.60 10.39
N PHE B 251 -26.57 10.13 10.34
CA PHE B 251 -26.86 11.26 9.49
C PHE B 251 -26.16 12.51 10.04
N PRO B 252 -25.84 13.48 9.17
CA PRO B 252 -25.26 14.74 9.69
C PRO B 252 -26.12 15.41 10.74
N ASN B 253 -27.44 15.36 10.59
CA ASN B 253 -28.34 15.90 11.61
C ASN B 253 -28.20 15.11 12.91
N GLY B 254 -28.12 13.78 12.80
CA GLY B 254 -28.04 12.92 13.96
C GLY B 254 -29.33 12.22 14.32
N ASN B 255 -30.43 12.49 13.62
CA ASN B 255 -31.70 11.85 13.86
C ASN B 255 -31.94 10.63 12.99
N ALA B 256 -30.96 10.26 12.15
CA ALA B 256 -31.10 9.13 11.25
C ALA B 256 -29.73 8.49 11.04
N PHE B 257 -29.74 7.30 10.46
CA PHE B 257 -28.49 6.61 10.15
C PHE B 257 -28.72 5.64 9.01
N ALA B 258 -27.62 5.19 8.41
CA ALA B 258 -27.64 4.30 7.26
C ALA B 258 -26.76 3.10 7.51
N THR B 259 -27.25 1.92 7.13
CA THR B 259 -26.55 0.66 7.32
C THR B 259 -26.39 -0.03 5.96
N GLY B 260 -25.30 -0.77 5.81
CA GLY B 260 -25.04 -1.55 4.60
C GLY B 260 -24.94 -3.03 4.95
N SER B 261 -25.54 -3.88 4.12
CA SER B 261 -25.56 -5.31 4.37
C SER B 261 -24.78 -6.04 3.29
N ASP B 262 -24.69 -7.36 3.45
CA ASP B 262 -24.02 -8.23 2.48
C ASP B 262 -24.95 -8.66 1.35
N ASP B 263 -26.22 -8.27 1.39
CA ASP B 263 -27.19 -8.60 0.35
C ASP B 263 -27.29 -7.51 -0.71
N ALA B 264 -26.22 -6.76 -0.94
CA ALA B 264 -26.18 -5.70 -1.95
C ALA B 264 -27.27 -4.65 -1.71
N THR B 265 -27.48 -4.30 -0.43
CA THR B 265 -28.52 -3.34 -0.10
C THR B 265 -28.11 -2.52 1.12
N CYS B 266 -28.47 -1.24 1.09
CA CYS B 266 -28.35 -0.35 2.23
C CYS B 266 -29.73 0.10 2.67
N ARG B 267 -29.87 0.38 3.97
CA ARG B 267 -31.13 0.82 4.53
C ARG B 267 -30.92 2.10 5.33
N LEU B 268 -31.96 2.93 5.37
CA LEU B 268 -31.95 4.17 6.15
C LEU B 268 -32.98 4.05 7.27
N PHE B 269 -32.52 4.22 8.51
CA PHE B 269 -33.37 4.12 9.68
C PHE B 269 -33.39 5.45 10.41
N ASP B 270 -34.48 5.68 11.16
CA ASP B 270 -34.69 6.90 11.92
C ASP B 270 -34.65 6.59 13.41
N LEU B 271 -33.97 7.45 14.18
CA LEU B 271 -33.89 7.26 15.62
C LEU B 271 -35.24 7.52 16.30
N ARG B 272 -35.89 8.63 15.96
CA ARG B 272 -37.11 9.01 16.66
C ARG B 272 -38.26 8.04 16.33
N ALA B 273 -38.42 7.68 15.07
CA ALA B 273 -39.46 6.76 14.64
C ALA B 273 -38.79 5.50 14.10
N ASP B 274 -39.16 4.34 14.66
CA ASP B 274 -38.56 3.07 14.28
C ASP B 274 -39.12 2.66 12.92
N GLN B 275 -38.52 3.20 11.86
CA GLN B 275 -38.99 3.01 10.51
C GLN B 275 -37.85 2.58 9.61
N GLU B 276 -38.19 2.22 8.38
CA GLU B 276 -37.23 1.93 7.32
C GLU B 276 -37.48 2.96 6.22
N LEU B 277 -36.76 4.08 6.28
CA LEU B 277 -37.08 5.22 5.43
C LEU B 277 -36.87 4.89 3.95
N MET B 278 -35.71 4.36 3.60
CA MET B 278 -35.42 4.05 2.21
C MET B 278 -34.48 2.85 2.12
N THR B 279 -34.58 2.13 1.01
CA THR B 279 -33.72 1.01 0.69
C THR B 279 -32.97 1.34 -0.59
N TYR B 280 -31.64 1.41 -0.50
CA TYR B 280 -30.78 1.70 -1.64
C TYR B 280 -30.24 0.38 -2.16
N SER B 281 -30.74 -0.04 -3.32
CA SER B 281 -30.28 -1.26 -3.98
C SER B 281 -30.63 -1.18 -5.46
N HIS B 282 -29.91 -1.96 -6.25
CA HIS B 282 -30.15 -2.04 -7.69
C HIS B 282 -29.97 -3.48 -8.15
N ASP B 283 -30.66 -3.82 -9.24
CA ASP B 283 -30.61 -5.19 -9.76
C ASP B 283 -29.24 -5.51 -10.33
N ASN B 284 -28.52 -4.52 -10.86
CA ASN B 284 -27.21 -4.77 -11.45
C ASN B 284 -26.21 -5.23 -10.38
N ILE B 285 -26.25 -4.62 -9.20
CA ILE B 285 -25.33 -4.96 -8.13
C ILE B 285 -25.81 -6.23 -7.44
N ILE B 286 -24.90 -7.20 -7.30
CA ILE B 286 -25.17 -8.43 -6.56
C ILE B 286 -24.25 -8.61 -5.37
N CYS B 287 -23.29 -7.73 -5.16
CA CYS B 287 -22.31 -7.83 -4.10
C CYS B 287 -22.60 -6.83 -3.00
N GLY B 288 -22.17 -7.17 -1.79
CA GLY B 288 -22.51 -6.39 -0.61
C GLY B 288 -21.76 -5.07 -0.53
N ILE B 289 -21.90 -4.43 0.62
CA ILE B 289 -21.36 -3.10 0.88
C ILE B 289 -20.35 -3.20 2.01
N THR B 290 -19.17 -2.62 1.81
CA THR B 290 -18.13 -2.60 2.83
C THR B 290 -18.10 -1.32 3.64
N SER B 291 -18.37 -0.16 3.03
CA SER B 291 -18.29 1.11 3.73
C SER B 291 -19.47 1.99 3.32
N VAL B 292 -19.90 2.83 4.26
CA VAL B 292 -20.99 3.77 4.06
C VAL B 292 -20.62 5.09 4.69
N SER B 293 -20.83 6.19 3.97
CA SER B 293 -20.56 7.52 4.51
C SER B 293 -21.53 8.51 3.88
N PHE B 294 -21.72 9.63 4.57
CA PHE B 294 -22.65 10.68 4.18
C PHE B 294 -21.89 11.94 3.75
N SER B 295 -22.64 12.91 3.26
CA SER B 295 -22.10 14.20 2.88
C SER B 295 -22.33 15.21 4.01
N LYS B 296 -21.85 16.44 3.80
CA LYS B 296 -22.02 17.47 4.83
C LYS B 296 -23.48 17.86 5.00
N SER B 297 -24.22 17.98 3.90
CA SER B 297 -25.63 18.37 3.96
C SER B 297 -26.57 17.19 4.02
N GLY B 298 -26.06 15.96 4.00
CA GLY B 298 -26.92 14.80 4.04
C GLY B 298 -27.69 14.53 2.77
N ARG B 299 -27.22 15.06 1.64
CA ARG B 299 -27.89 14.86 0.36
C ARG B 299 -27.27 13.72 -0.46
N LEU B 300 -25.98 13.46 -0.29
CA LEU B 300 -25.28 12.43 -1.04
C LEU B 300 -24.81 11.34 -0.08
N LEU B 301 -25.13 10.09 -0.41
CA LEU B 301 -24.67 8.94 0.35
C LEU B 301 -23.67 8.17 -0.49
N LEU B 302 -22.51 7.87 0.10
CA LEU B 302 -21.42 7.20 -0.59
C LEU B 302 -21.35 5.76 -0.08
N ALA B 303 -21.42 4.80 -1.00
CA ALA B 303 -21.43 3.39 -0.63
C ALA B 303 -20.33 2.67 -1.41
N GLY B 304 -19.45 2.00 -0.69
CA GLY B 304 -18.41 1.20 -1.32
C GLY B 304 -18.87 -0.24 -1.45
N TYR B 305 -18.78 -0.78 -2.65
CA TYR B 305 -19.25 -2.12 -2.97
C TYR B 305 -18.07 -3.04 -3.24
N ASP B 306 -18.39 -4.33 -3.42
CA ASP B 306 -17.39 -5.35 -3.69
C ASP B 306 -17.07 -5.47 -5.17
N ASP B 307 -17.77 -4.74 -6.04
CA ASP B 307 -17.59 -4.81 -7.47
C ASP B 307 -16.50 -3.87 -7.98
N PHE B 308 -15.54 -3.50 -7.13
CA PHE B 308 -14.31 -2.76 -7.42
C PHE B 308 -14.52 -1.26 -7.56
N ASN B 309 -15.75 -0.75 -7.47
CA ASN B 309 -16.00 0.68 -7.57
C ASN B 309 -17.07 1.11 -6.59
N CYS B 310 -17.03 2.39 -6.21
CA CYS B 310 -17.98 2.96 -5.27
C CYS B 310 -19.20 3.49 -6.01
N ASN B 311 -20.19 3.95 -5.25
CA ASN B 311 -21.41 4.49 -5.81
C ASN B 311 -21.89 5.68 -4.99
N VAL B 312 -22.55 6.62 -5.65
CA VAL B 312 -23.13 7.80 -5.02
C VAL B 312 -24.64 7.75 -5.24
N TRP B 313 -25.38 7.90 -4.15
CA TRP B 313 -26.84 7.86 -4.18
C TRP B 313 -27.40 9.17 -3.65
N ASP B 314 -28.40 9.70 -4.34
CA ASP B 314 -29.14 10.86 -3.84
C ASP B 314 -30.09 10.37 -2.75
N ALA B 315 -29.80 10.74 -1.50
CA ALA B 315 -30.47 10.14 -0.36
C ALA B 315 -31.97 10.39 -0.34
N LEU B 316 -32.44 11.43 -1.03
CA LEU B 316 -33.87 11.75 -1.02
C LEU B 316 -34.65 11.12 -2.16
N LYS B 317 -33.97 10.50 -3.13
CA LYS B 317 -34.66 9.83 -4.23
C LYS B 317 -34.20 8.40 -4.48
N ALA B 318 -33.18 7.91 -3.77
CA ALA B 318 -32.71 6.52 -3.89
C ALA B 318 -32.32 6.18 -5.32
N ASP B 319 -31.63 7.10 -5.99
CA ASP B 319 -31.15 6.88 -7.35
C ASP B 319 -29.65 7.14 -7.40
N ARG B 320 -28.98 6.51 -8.37
CA ARG B 320 -27.54 6.66 -8.51
C ARG B 320 -27.21 7.92 -9.28
N ALA B 321 -26.23 8.68 -8.77
CA ALA B 321 -25.82 9.93 -9.38
C ALA B 321 -24.35 9.95 -9.78
N GLY B 322 -23.60 8.88 -9.51
CA GLY B 322 -22.20 8.85 -9.87
C GLY B 322 -21.48 7.59 -9.45
N VAL B 323 -20.45 7.22 -10.20
CA VAL B 323 -19.64 6.05 -9.90
C VAL B 323 -18.18 6.49 -9.83
N LEU B 324 -17.53 6.20 -8.70
CA LEU B 324 -16.11 6.52 -8.53
C LEU B 324 -15.24 5.33 -8.92
N ALA B 325 -15.34 4.96 -10.20
CA ALA B 325 -14.64 3.79 -10.73
C ALA B 325 -13.18 4.17 -10.99
N GLY B 326 -12.34 3.98 -9.99
CA GLY B 326 -10.92 4.25 -10.12
C GLY B 326 -10.06 3.26 -9.37
N HIS B 327 -10.68 2.21 -8.84
CA HIS B 327 -10.00 1.19 -8.05
C HIS B 327 -10.01 -0.13 -8.80
N ASP B 328 -8.91 -0.87 -8.69
CA ASP B 328 -8.75 -2.16 -9.35
C ASP B 328 -9.12 -3.33 -8.45
N ASN B 329 -9.58 -3.08 -7.23
CA ASN B 329 -9.94 -4.15 -6.31
C ASN B 329 -11.07 -3.67 -5.41
N ARG B 330 -11.51 -4.56 -4.52
CA ARG B 330 -12.61 -4.25 -3.62
C ARG B 330 -12.25 -3.09 -2.70
N VAL B 331 -13.14 -2.13 -2.57
CA VAL B 331 -12.95 -1.00 -1.67
C VAL B 331 -13.43 -1.40 -0.27
N SER B 332 -12.69 -0.96 0.75
CA SER B 332 -13.00 -1.32 2.12
C SER B 332 -13.23 -0.13 3.03
N CYS B 333 -12.65 1.02 2.74
CA CYS B 333 -12.75 2.20 3.60
C CYS B 333 -13.10 3.42 2.77
N LEU B 334 -13.98 4.25 3.31
CA LEU B 334 -14.42 5.47 2.65
C LEU B 334 -14.67 6.55 3.71
N GLY B 335 -14.27 7.77 3.40
CA GLY B 335 -14.42 8.86 4.35
C GLY B 335 -14.66 10.18 3.67
N VAL B 336 -15.29 11.09 4.42
CA VAL B 336 -15.60 12.44 3.95
C VAL B 336 -15.11 13.43 4.99
N THR B 337 -14.53 14.54 4.52
CA THR B 337 -14.02 15.57 5.41
C THR B 337 -15.17 16.21 6.20
N ASP B 338 -14.80 16.85 7.31
CA ASP B 338 -15.79 17.52 8.13
C ASP B 338 -16.47 18.67 7.40
N ASP B 339 -15.73 19.36 6.52
CA ASP B 339 -16.31 20.40 5.68
C ASP B 339 -16.95 19.86 4.42
N GLY B 340 -16.88 18.55 4.18
CA GLY B 340 -17.56 17.94 3.06
C GLY B 340 -17.10 18.40 1.70
N MET B 341 -15.78 18.47 1.48
CA MET B 341 -15.24 18.93 0.21
C MET B 341 -14.51 17.85 -0.58
N ALA B 342 -13.95 16.84 0.09
CA ALA B 342 -13.21 15.78 -0.58
C ALA B 342 -13.66 14.42 -0.06
N VAL B 343 -13.55 13.41 -0.92
CA VAL B 343 -13.95 12.06 -0.59
C VAL B 343 -12.74 11.15 -0.73
N ALA B 344 -12.31 10.55 0.37
CA ALA B 344 -11.13 9.69 0.37
C ALA B 344 -11.56 8.23 0.39
N THR B 345 -11.10 7.45 -0.59
CA THR B 345 -11.48 6.05 -0.72
C THR B 345 -10.22 5.19 -0.76
N GLY B 346 -10.27 4.06 -0.06
CA GLY B 346 -9.19 3.10 -0.09
C GLY B 346 -9.69 1.74 -0.52
N SER B 347 -8.80 0.89 -1.03
CA SER B 347 -9.19 -0.39 -1.57
C SER B 347 -8.10 -1.42 -1.26
N TRP B 348 -8.36 -2.67 -1.65
CA TRP B 348 -7.42 -3.76 -1.40
C TRP B 348 -6.18 -3.69 -2.28
N ASP B 349 -6.16 -2.81 -3.28
CA ASP B 349 -4.99 -2.64 -4.14
C ASP B 349 -3.95 -1.71 -3.54
N SER B 350 -4.13 -1.30 -2.29
CA SER B 350 -3.18 -0.43 -1.56
C SER B 350 -3.04 0.93 -2.26
N PHE B 351 -4.18 1.50 -2.64
CA PHE B 351 -4.21 2.82 -3.26
C PHE B 351 -5.30 3.65 -2.62
N LEU B 352 -4.95 4.87 -2.22
CA LEU B 352 -5.90 5.82 -1.64
C LEU B 352 -6.13 6.95 -2.64
N LYS B 353 -7.40 7.27 -2.89
CA LYS B 353 -7.75 8.27 -3.88
C LYS B 353 -8.65 9.32 -3.26
N ILE B 354 -8.34 10.59 -3.53
CA ILE B 354 -9.13 11.71 -3.04
C ILE B 354 -9.90 12.27 -4.23
N TRP B 355 -11.19 11.94 -4.31
CA TRP B 355 -12.07 12.43 -5.36
C TRP B 355 -12.69 13.75 -4.93
N ASN B 356 -12.76 14.67 -5.90
CA ASN B 356 -13.37 15.98 -5.69
C ASN B 356 -14.06 16.46 -6.95
N THR C 6 -34.69 -24.71 36.01
CA THR C 6 -34.69 -23.36 36.57
C THR C 6 -33.44 -22.59 36.17
N ALA C 7 -32.44 -23.33 35.68
CA ALA C 7 -31.18 -22.70 35.27
C ALA C 7 -31.31 -22.01 33.92
N SER C 8 -32.13 -22.54 33.01
CA SER C 8 -32.25 -22.00 31.67
C SER C 8 -33.36 -20.98 31.51
N ILE C 9 -34.07 -20.64 32.59
CA ILE C 9 -35.15 -19.66 32.51
C ILE C 9 -34.68 -18.24 32.82
N ALA C 10 -33.53 -18.07 33.45
CA ALA C 10 -33.04 -16.74 33.79
C ALA C 10 -32.75 -15.93 32.53
N GLN C 11 -32.16 -16.55 31.52
CA GLN C 11 -31.87 -15.84 30.27
C GLN C 11 -33.15 -15.38 29.59
N ALA C 12 -34.16 -16.26 29.55
CA ALA C 12 -35.44 -15.88 28.95
C ALA C 12 -36.11 -14.76 29.73
N ARG C 13 -36.04 -14.82 31.07
CA ARG C 13 -36.62 -13.77 31.88
C ARG C 13 -35.93 -12.43 31.63
N LYS C 14 -34.59 -12.45 31.54
CA LYS C 14 -33.86 -11.21 31.25
C LYS C 14 -34.22 -10.68 29.86
N LEU C 15 -34.35 -11.57 28.87
CA LEU C 15 -34.67 -11.15 27.52
C LEU C 15 -36.06 -10.51 27.47
N VAL C 16 -37.05 -11.12 28.12
CA VAL C 16 -38.40 -10.57 28.08
C VAL C 16 -38.48 -9.28 28.91
N GLU C 17 -37.69 -9.18 29.98
CA GLU C 17 -37.62 -7.91 30.71
C GLU C 17 -37.05 -6.81 29.82
N GLN C 18 -36.01 -7.12 29.05
CA GLN C 18 -35.45 -6.14 28.13
C GLN C 18 -36.47 -5.74 27.07
N LEU C 19 -37.22 -6.71 26.54
CA LEU C 19 -38.24 -6.39 25.55
C LEU C 19 -39.32 -5.49 26.14
N LYS C 20 -39.79 -5.79 27.35
CA LYS C 20 -40.83 -4.98 27.97
C LYS C 20 -40.31 -3.59 28.34
N MET C 21 -39.01 -3.47 28.61
CA MET C 21 -38.44 -2.15 28.86
C MET C 21 -38.32 -1.35 27.56
N GLU C 22 -37.93 -2.02 26.47
CA GLU C 22 -37.77 -1.33 25.20
C GLU C 22 -39.11 -0.90 24.62
N ALA C 23 -40.17 -1.69 24.82
CA ALA C 23 -41.45 -1.40 24.18
C ALA C 23 -42.15 -0.18 24.75
N ASN C 24 -41.64 0.41 25.84
CA ASN C 24 -42.31 1.52 26.50
C ASN C 24 -42.04 2.88 25.85
N ILE C 25 -41.18 2.94 24.83
CA ILE C 25 -40.84 4.22 24.19
C ILE C 25 -41.97 4.68 23.29
N ASP C 26 -41.93 5.95 22.89
CA ASP C 26 -42.99 6.56 22.10
C ASP C 26 -42.62 6.57 20.61
N ARG C 27 -43.59 7.01 19.80
CA ARG C 27 -43.45 7.06 18.36
C ARG C 27 -43.92 8.40 17.83
N ILE C 28 -43.42 8.77 16.65
CA ILE C 28 -43.84 9.98 15.96
C ILE C 28 -44.18 9.62 14.51
N LYS C 29 -44.81 10.56 13.82
CA LYS C 29 -45.22 10.35 12.44
C LYS C 29 -44.00 10.26 11.52
N VAL C 30 -44.13 9.44 10.48
CA VAL C 30 -43.07 9.30 9.49
C VAL C 30 -42.93 10.60 8.68
N SER C 31 -44.06 11.24 8.38
CA SER C 31 -44.03 12.46 7.59
C SER C 31 -43.23 13.56 8.29
N LYS C 32 -43.31 13.62 9.62
CA LYS C 32 -42.53 14.60 10.36
C LYS C 32 -41.04 14.38 10.18
N ALA C 33 -40.60 13.12 10.27
CA ALA C 33 -39.19 12.82 10.07
C ALA C 33 -38.75 13.11 8.64
N ALA C 34 -39.60 12.78 7.66
CA ALA C 34 -39.29 13.09 6.28
C ALA C 34 -39.14 14.58 6.05
N ALA C 35 -40.05 15.37 6.61
CA ALA C 35 -39.98 16.83 6.48
C ALA C 35 -38.74 17.37 7.17
N ASP C 36 -38.39 16.82 8.34
CA ASP C 36 -37.19 17.28 9.04
C ASP C 36 -35.94 17.01 8.22
N LEU C 37 -35.84 15.81 7.65
CA LEU C 37 -34.68 15.47 6.82
C LEU C 37 -34.61 16.35 5.58
N MET C 38 -35.75 16.58 4.93
CA MET C 38 -35.77 17.43 3.74
C MET C 38 -35.36 18.86 4.08
N ALA C 39 -35.87 19.38 5.20
CA ALA C 39 -35.50 20.73 5.62
C ALA C 39 -34.02 20.83 5.95
N TYR C 40 -33.47 19.82 6.62
CA TYR C 40 -32.03 19.83 6.92
C TYR C 40 -31.21 19.79 5.64
N CYS C 41 -31.64 18.99 4.66
CA CYS C 41 -30.91 18.93 3.40
C CYS C 41 -30.97 20.26 2.66
N GLU C 42 -32.15 20.90 2.63
CA GLU C 42 -32.29 22.15 1.91
C GLU C 42 -31.53 23.29 2.59
N ALA C 43 -31.54 23.32 3.93
CA ALA C 43 -30.92 24.42 4.66
C ALA C 43 -29.42 24.45 4.47
N HIS C 44 -28.77 23.28 4.48
CA HIS C 44 -27.32 23.19 4.39
C HIS C 44 -26.84 22.87 2.98
N ALA C 45 -27.71 22.97 1.98
CA ALA C 45 -27.31 22.67 0.61
C ALA C 45 -26.29 23.67 0.08
N LYS C 46 -26.41 24.94 0.47
CA LYS C 46 -25.49 25.97 -0.03
C LYS C 46 -24.08 25.74 0.48
N GLU C 47 -23.92 25.10 1.64
CA GLU C 47 -22.61 24.86 2.24
C GLU C 47 -22.07 23.47 1.93
N ASP C 48 -22.46 22.90 0.79
CA ASP C 48 -22.00 21.57 0.39
C ASP C 48 -21.14 21.68 -0.85
N PRO C 49 -19.81 21.65 -0.73
CA PRO C 49 -18.96 21.71 -1.93
C PRO C 49 -19.19 20.54 -2.89
N LEU C 50 -19.50 19.35 -2.37
CA LEU C 50 -19.70 18.21 -3.25
C LEU C 50 -21.01 18.31 -4.02
N LEU C 51 -22.08 18.70 -3.33
CA LEU C 51 -23.38 18.82 -3.99
C LEU C 51 -23.38 19.95 -5.02
N THR C 52 -22.93 21.13 -4.62
CA THR C 52 -22.87 22.29 -5.51
C THR C 52 -21.41 22.58 -5.85
N PRO C 53 -20.98 22.38 -7.10
CA PRO C 53 -19.57 22.64 -7.43
C PRO C 53 -19.19 24.11 -7.29
N VAL C 54 -18.35 24.41 -6.30
CA VAL C 54 -17.86 25.76 -6.06
C VAL C 54 -16.81 26.10 -7.11
N PRO C 55 -16.53 27.37 -7.37
CA PRO C 55 -15.46 27.71 -8.33
C PRO C 55 -14.13 27.15 -7.88
N ALA C 56 -13.31 26.76 -8.86
CA ALA C 56 -12.02 26.14 -8.59
C ALA C 56 -11.03 27.08 -7.91
N SER C 57 -11.30 28.38 -7.89
CA SER C 57 -10.39 29.31 -7.21
C SER C 57 -10.34 29.03 -5.71
N GLU C 58 -11.48 28.74 -5.10
CA GLU C 58 -11.56 28.47 -3.67
C GLU C 58 -11.19 27.03 -3.32
N ASN C 59 -11.05 26.15 -4.30
CA ASN C 59 -10.73 24.75 -4.04
C ASN C 59 -9.25 24.61 -3.71
N PRO C 60 -8.87 24.07 -2.55
CA PRO C 60 -7.46 23.78 -2.27
C PRO C 60 -6.96 22.48 -2.88
N PHE C 61 -7.84 21.65 -3.42
CA PHE C 61 -7.47 20.36 -3.98
C PHE C 61 -7.23 20.43 -5.49
N ARG C 62 -7.24 21.63 -6.07
CA ARG C 62 -7.02 21.76 -7.51
C ARG C 62 -5.61 21.32 -7.88
N GLU C 63 -5.48 20.70 -9.05
CA GLU C 63 -4.19 20.23 -9.54
C GLU C 63 -3.77 21.01 -10.78
N GLU D 50 30.00 6.61 -58.33
CA GLU D 50 31.19 5.97 -58.87
C GLU D 50 31.76 4.94 -57.91
N THR D 51 31.83 5.31 -56.63
CA THR D 51 32.34 4.39 -55.61
C THR D 51 31.43 3.17 -55.49
N LEU D 52 30.11 3.38 -55.49
CA LEU D 52 29.17 2.27 -55.41
C LEU D 52 29.30 1.34 -56.61
N ARG D 53 29.47 1.91 -57.80
CA ARG D 53 29.60 1.08 -59.00
C ARG D 53 30.83 0.19 -58.94
N GLU D 54 31.98 0.75 -58.56
CA GLU D 54 33.19 -0.06 -58.45
C GLU D 54 33.06 -1.09 -57.34
N HIS D 55 32.46 -0.71 -56.20
CA HIS D 55 32.30 -1.64 -55.09
C HIS D 55 31.44 -2.82 -55.49
N TYR D 56 30.36 -2.57 -56.24
CA TYR D 56 29.55 -3.67 -56.77
C TYR D 56 30.31 -4.45 -57.83
N GLN D 57 31.15 -3.78 -58.61
CA GLN D 57 31.88 -4.46 -59.69
C GLN D 57 32.88 -5.47 -59.14
N TYR D 58 33.54 -5.14 -58.03
CA TYR D 58 34.54 -6.06 -57.49
C TYR D 58 33.91 -7.40 -57.12
N VAL D 59 32.77 -7.38 -56.43
CA VAL D 59 32.15 -8.61 -55.95
C VAL D 59 31.31 -9.30 -57.00
N GLY D 60 31.29 -8.80 -58.23
CA GLY D 60 30.51 -9.44 -59.28
C GLY D 60 29.02 -9.25 -59.15
N LYS D 61 28.57 -8.24 -58.40
CA LYS D 61 27.15 -7.99 -58.26
C LYS D 61 26.52 -7.37 -59.49
N LEU D 62 27.33 -6.86 -60.43
CA LEU D 62 26.81 -6.27 -61.65
C LEU D 62 26.34 -7.34 -62.62
N SER D 73 12.28 -10.55 -59.22
CA SER D 73 11.02 -10.67 -59.95
C SER D 73 9.90 -9.90 -59.23
N THR D 74 8.86 -9.55 -59.99
CA THR D 74 7.74 -8.82 -59.40
C THR D 74 7.01 -9.67 -58.37
N LEU D 75 6.85 -10.98 -58.65
CA LEU D 75 6.16 -11.86 -57.73
C LEU D 75 6.90 -11.96 -56.39
N THR D 76 8.22 -12.12 -56.43
CA THR D 76 9.00 -12.16 -55.19
C THR D 76 8.91 -10.84 -54.45
N THR D 77 8.94 -9.72 -55.18
CA THR D 77 8.85 -8.41 -54.54
C THR D 77 7.53 -8.24 -53.82
N VAL D 78 6.41 -8.58 -54.48
CA VAL D 78 5.11 -8.42 -53.84
C VAL D 78 4.95 -9.42 -52.70
N LEU D 79 5.55 -10.61 -52.81
CA LEU D 79 5.52 -11.56 -51.70
C LEU D 79 6.25 -10.99 -50.48
N PHE D 80 7.42 -10.39 -50.70
CA PHE D 80 8.13 -9.77 -49.58
C PHE D 80 7.32 -8.62 -48.99
N LEU D 81 6.68 -7.83 -49.86
CA LEU D 81 5.86 -6.70 -49.39
C LEU D 81 4.73 -7.19 -48.51
N VAL D 82 4.00 -8.22 -48.94
CA VAL D 82 2.87 -8.71 -48.15
C VAL D 82 3.36 -9.40 -46.88
N ILE D 83 4.49 -10.10 -46.93
CA ILE D 83 5.03 -10.72 -45.71
C ILE D 83 5.35 -9.64 -44.68
N CYS D 84 5.99 -8.55 -45.12
CA CYS D 84 6.24 -7.43 -44.22
C CYS D 84 4.94 -6.82 -43.72
N SER D 85 3.91 -6.78 -44.56
CA SER D 85 2.62 -6.28 -44.12
C SER D 85 2.06 -7.12 -42.98
N PHE D 86 2.11 -8.45 -43.10
CA PHE D 86 1.69 -9.30 -42.00
C PHE D 86 2.53 -9.07 -40.75
N ILE D 87 3.85 -8.93 -40.91
CA ILE D 87 4.71 -8.69 -39.76
C ILE D 87 4.28 -7.42 -39.03
N VAL D 88 4.10 -6.32 -39.78
CA VAL D 88 3.80 -5.05 -39.13
C VAL D 88 2.40 -5.05 -38.52
N LEU D 89 1.43 -5.69 -39.19
CA LEU D 89 0.09 -5.71 -38.63
C LEU D 89 0.04 -6.56 -37.36
N GLU D 90 0.75 -7.69 -37.34
CA GLU D 90 0.80 -8.52 -36.14
C GLU D 90 1.48 -7.77 -35.00
N ASN D 91 2.58 -7.08 -35.29
CA ASN D 91 3.27 -6.34 -34.24
C ASN D 91 2.39 -5.21 -33.70
N LEU D 92 1.68 -4.51 -34.58
CA LEU D 92 0.78 -3.44 -34.12
C LEU D 92 -0.36 -4.01 -33.28
N MET D 93 -0.92 -5.15 -33.69
CA MET D 93 -1.98 -5.77 -32.91
C MET D 93 -1.49 -6.18 -31.52
N VAL D 94 -0.29 -6.76 -31.46
CA VAL D 94 0.27 -7.14 -30.16
C VAL D 94 0.52 -5.91 -29.30
N LEU D 95 1.04 -4.84 -29.89
CA LEU D 95 1.32 -3.62 -29.14
C LEU D 95 0.04 -3.01 -28.58
N ILE D 96 -1.02 -2.93 -29.40
CA ILE D 96 -2.27 -2.35 -28.90
C ILE D 96 -2.92 -3.26 -27.88
N ALA D 97 -2.80 -4.58 -28.03
CA ALA D 97 -3.32 -5.49 -27.01
C ALA D 97 -2.61 -5.30 -25.69
N ILE D 98 -1.28 -5.13 -25.72
CA ILE D 98 -0.52 -4.89 -24.49
C ILE D 98 -0.93 -3.56 -23.87
N TRP D 99 -1.05 -2.52 -24.69
CA TRP D 99 -1.43 -1.20 -24.18
C TRP D 99 -2.85 -1.17 -23.65
N LYS D 100 -3.71 -2.09 -24.10
CA LYS D 100 -5.09 -2.12 -23.61
C LYS D 100 -5.14 -2.46 -22.12
N ASN D 101 -4.31 -3.40 -21.68
CA ASN D 101 -4.30 -3.83 -20.29
C ASN D 101 -3.50 -2.83 -19.45
N ASN D 102 -4.14 -2.28 -18.42
CA ASN D 102 -3.50 -1.33 -17.51
C ASN D 102 -2.84 -1.99 -16.32
N LYS D 103 -2.98 -3.31 -16.17
CA LYS D 103 -2.37 -4.03 -15.06
C LYS D 103 -0.88 -4.20 -15.37
N PHE D 104 -0.07 -3.25 -14.92
CA PHE D 104 1.35 -3.22 -15.21
C PHE D 104 2.20 -3.70 -14.03
N HIS D 105 1.58 -4.41 -13.08
CA HIS D 105 2.35 -4.93 -11.95
C HIS D 105 3.37 -5.97 -12.40
N ASN D 106 3.00 -6.82 -13.35
CA ASN D 106 3.92 -7.85 -13.83
C ASN D 106 5.07 -7.23 -14.60
N ARG D 107 6.29 -7.73 -14.34
CA ARG D 107 7.47 -7.20 -14.99
C ARG D 107 7.59 -7.69 -16.43
N MET D 108 6.99 -8.85 -16.74
CA MET D 108 7.07 -9.39 -18.09
C MET D 108 6.42 -8.47 -19.12
N TYR D 109 5.46 -7.65 -18.69
CA TYR D 109 4.77 -6.73 -19.58
C TYR D 109 5.73 -5.81 -20.32
N PHE D 110 6.66 -5.22 -19.58
CA PHE D 110 7.66 -4.32 -20.15
C PHE D 110 8.46 -5.02 -21.25
N PHE D 111 8.98 -6.21 -20.95
CA PHE D 111 9.79 -6.93 -21.91
C PHE D 111 9.01 -7.31 -23.16
N ILE D 112 7.78 -7.79 -22.98
CA ILE D 112 6.97 -8.21 -24.13
C ILE D 112 6.63 -6.99 -24.99
N GLY D 113 6.27 -5.88 -24.36
CA GLY D 113 5.98 -4.67 -25.11
C GLY D 113 7.20 -4.16 -25.88
N ASN D 114 8.36 -4.20 -25.24
CA ASN D 114 9.60 -3.79 -25.90
C ASN D 114 9.89 -4.67 -27.11
N LEU D 115 9.71 -5.99 -26.94
CA LEU D 115 9.93 -6.92 -28.05
C LEU D 115 8.98 -6.64 -29.20
N ALA D 116 7.70 -6.42 -28.90
CA ALA D 116 6.73 -6.14 -29.94
C ALA D 116 7.06 -4.84 -30.67
N LEU D 117 7.42 -3.80 -29.92
CA LEU D 117 7.79 -2.52 -30.52
C LEU D 117 9.00 -2.67 -31.43
N CYS D 118 10.01 -3.42 -30.97
CA CYS D 118 11.21 -3.61 -31.78
C CYS D 118 10.89 -4.42 -33.04
N ASP D 119 10.03 -5.42 -32.93
CA ASP D 119 9.62 -6.18 -34.11
C ASP D 119 8.91 -5.29 -35.12
N LEU D 120 8.03 -4.42 -34.63
CA LEU D 120 7.36 -3.47 -35.52
C LEU D 120 8.38 -2.56 -36.21
N LEU D 121 9.34 -2.05 -35.44
CA LEU D 121 10.37 -1.19 -36.00
C LEU D 121 11.18 -1.93 -37.07
N ALA D 122 11.52 -3.19 -36.80
CA ALA D 122 12.29 -3.98 -37.76
C ALA D 122 11.49 -4.19 -39.04
N GLY D 123 10.20 -4.51 -38.92
CA GLY D 123 9.38 -4.66 -40.10
C GLY D 123 9.28 -3.39 -40.92
N ILE D 124 9.03 -2.27 -40.26
CA ILE D 124 8.92 -0.99 -40.96
C ILE D 124 10.24 -0.65 -41.65
N ALA D 125 11.36 -0.88 -40.96
CA ALA D 125 12.67 -0.61 -41.54
C ALA D 125 12.94 -1.49 -42.76
N TYR D 126 12.58 -2.78 -42.67
CA TYR D 126 12.79 -3.68 -43.81
C TYR D 126 11.92 -3.27 -44.98
N LYS D 127 10.73 -2.74 -44.71
CA LYS D 127 9.87 -2.25 -45.78
C LYS D 127 10.59 -1.21 -46.64
N VAL D 128 11.05 -0.13 -45.99
CA VAL D 128 11.73 0.94 -46.72
C VAL D 128 13.03 0.44 -47.32
N ASN D 129 13.73 -0.45 -46.61
CA ASN D 129 15.00 -0.97 -47.12
C ASN D 129 14.80 -1.73 -48.42
N ILE D 130 13.81 -2.63 -48.45
CA ILE D 130 13.60 -3.43 -49.64
C ILE D 130 13.07 -2.58 -50.79
N LEU D 131 12.19 -1.61 -50.50
CA LEU D 131 11.69 -0.77 -51.59
C LEU D 131 12.79 0.10 -52.18
N MET D 132 13.66 0.67 -51.32
CA MET D 132 14.78 1.45 -51.83
C MET D 132 15.75 0.60 -52.61
N SER D 133 16.03 -0.61 -52.15
CA SER D 133 16.91 -1.50 -52.88
C SER D 133 16.33 -1.85 -54.24
N GLY D 134 15.02 -2.08 -54.31
CA GLY D 134 14.39 -2.34 -55.60
C GLY D 134 14.44 -1.15 -56.53
N LYS D 135 14.21 0.06 -56.00
CA LYS D 135 14.13 1.26 -56.83
C LYS D 135 15.47 1.99 -56.92
N LYS D 136 16.01 2.44 -55.80
CA LYS D 136 17.25 3.22 -55.79
C LYS D 136 18.46 2.29 -55.76
N THR D 137 18.72 1.69 -56.92
CA THR D 137 19.85 0.76 -57.04
C THR D 137 21.18 1.48 -56.94
N PHE D 138 21.32 2.61 -57.65
CA PHE D 138 22.58 3.35 -57.66
C PHE D 138 22.43 4.85 -57.48
N SER D 139 21.21 5.39 -57.58
CA SER D 139 21.02 6.83 -57.40
C SER D 139 21.25 7.24 -55.95
N LEU D 140 21.10 6.31 -55.02
CA LEU D 140 21.23 6.61 -53.59
C LEU D 140 22.63 7.14 -53.29
N SER D 141 22.69 8.15 -52.42
CA SER D 141 23.98 8.69 -52.00
C SER D 141 24.76 7.65 -51.21
N PRO D 142 26.09 7.66 -51.31
CA PRO D 142 26.88 6.68 -50.54
C PRO D 142 26.68 6.78 -49.04
N THR D 143 26.51 7.99 -48.51
CA THR D 143 26.31 8.16 -47.07
C THR D 143 24.99 7.54 -46.61
N VAL D 144 23.92 7.75 -47.37
CA VAL D 144 22.62 7.21 -47.01
C VAL D 144 22.58 5.69 -47.13
N TRP D 145 23.44 5.13 -47.98
CA TRP D 145 23.53 3.67 -48.08
C TRP D 145 23.91 3.04 -46.75
N PHE D 146 24.87 3.65 -46.05
CA PHE D 146 25.28 3.12 -44.75
C PHE D 146 24.17 3.25 -43.72
N LEU D 147 23.41 4.35 -43.75
CA LEU D 147 22.27 4.48 -42.85
C LEU D 147 21.22 3.40 -43.13
N ARG D 148 20.93 3.16 -44.41
CA ARG D 148 19.95 2.15 -44.78
C ARG D 148 20.39 0.77 -44.33
N GLU D 149 21.67 0.44 -44.52
CA GLU D 149 22.15 -0.88 -44.09
C GLU D 149 22.20 -1.00 -42.57
N GLY D 150 22.57 0.09 -41.88
CA GLY D 150 22.65 0.05 -40.43
C GLY D 150 21.31 0.03 -39.73
N SER D 151 20.25 0.47 -40.42
CA SER D 151 18.91 0.35 -39.85
C SER D 151 18.57 -1.12 -39.60
N MET D 152 18.87 -1.99 -40.57
CA MET D 152 18.67 -3.42 -40.38
C MET D 152 19.46 -3.95 -39.20
N PHE D 153 20.73 -3.57 -39.10
CA PHE D 153 21.56 -4.07 -38.02
C PHE D 153 21.04 -3.63 -36.66
N VAL D 154 20.64 -2.36 -36.55
CA VAL D 154 20.10 -1.86 -35.29
C VAL D 154 18.82 -2.60 -34.93
N ALA D 155 17.90 -2.73 -35.89
CA ALA D 155 16.61 -3.34 -35.59
C ALA D 155 16.77 -4.80 -35.19
N LEU D 156 17.61 -5.55 -35.91
CA LEU D 156 17.74 -6.97 -35.60
C LEU D 156 18.61 -7.21 -34.37
N GLY D 157 19.55 -6.30 -34.08
CA GLY D 157 20.29 -6.39 -32.83
C GLY D 157 19.43 -6.11 -31.61
N ALA D 158 18.50 -5.18 -31.73
CA ALA D 158 17.55 -4.92 -30.65
C ALA D 158 16.40 -5.91 -30.63
N SER D 159 16.22 -6.69 -31.69
CA SER D 159 15.19 -7.72 -31.74
C SER D 159 15.72 -9.10 -31.36
N THR D 160 17.01 -9.20 -31.04
CA THR D 160 17.60 -10.43 -30.53
C THR D 160 18.11 -10.29 -29.11
N CYS D 161 18.64 -9.12 -28.73
CA CYS D 161 19.02 -8.89 -27.35
C CYS D 161 17.80 -8.81 -26.43
N SER D 162 16.63 -8.48 -26.99
CA SER D 162 15.41 -8.49 -26.20
C SER D 162 15.08 -9.89 -25.69
N LEU D 163 15.26 -10.90 -26.55
CA LEU D 163 15.06 -12.28 -26.12
C LEU D 163 16.05 -12.67 -25.03
N LEU D 164 17.30 -12.22 -25.16
CA LEU D 164 18.30 -12.48 -24.13
C LEU D 164 17.91 -11.82 -22.81
N ALA D 165 17.40 -10.59 -22.87
CA ALA D 165 16.95 -9.91 -21.66
C ALA D 165 15.77 -10.63 -21.02
N ILE D 166 14.85 -11.13 -21.84
CA ILE D 166 13.72 -11.90 -21.31
C ILE D 166 14.21 -13.17 -20.62
N ALA D 167 15.17 -13.87 -21.24
CA ALA D 167 15.73 -15.07 -20.62
C ALA D 167 16.44 -14.74 -19.31
N ILE D 168 17.20 -13.65 -19.28
CA ILE D 168 17.89 -13.24 -18.05
C ILE D 168 16.88 -12.95 -16.96
N GLU D 169 15.82 -12.21 -17.30
CA GLU D 169 14.80 -11.88 -16.30
C GLU D 169 14.11 -13.12 -15.77
N ARG D 170 13.79 -14.07 -16.67
CA ARG D 170 13.13 -15.30 -16.24
C ARG D 170 14.05 -16.12 -15.33
N HIS D 171 15.32 -16.23 -15.69
CA HIS D 171 16.26 -16.99 -14.86
C HIS D 171 16.44 -16.34 -13.49
N LEU D 172 16.56 -15.01 -13.45
CA LEU D 172 16.70 -14.34 -12.17
C LEU D 172 15.43 -14.48 -11.32
N THR D 173 14.26 -14.43 -11.95
CA THR D 173 13.01 -14.59 -11.20
C THR D 173 12.90 -16.00 -10.62
N MET D 174 13.26 -17.01 -11.42
CA MET D 174 13.08 -18.40 -10.99
C MET D 174 14.23 -18.93 -10.16
N ILE D 175 15.35 -18.21 -10.07
CA ILE D 175 16.50 -18.70 -9.29
C ILE D 175 16.40 -18.33 -7.82
N LYS D 176 15.62 -17.31 -7.47
CA LYS D 176 15.50 -16.83 -6.10
C LYS D 176 14.25 -17.43 -5.46
N MET D 177 14.42 -18.06 -4.30
CA MET D 177 13.32 -18.73 -3.61
C MET D 177 12.49 -17.70 -2.85
N ARG D 178 11.77 -16.88 -3.61
CA ARG D 178 10.98 -15.81 -3.04
C ARG D 178 9.49 -16.16 -3.12
N PRO D 179 8.82 -16.42 -2.00
CA PRO D 179 7.37 -16.71 -2.07
C PRO D 179 6.55 -15.56 -2.61
N TYR D 180 7.01 -14.32 -2.44
CA TYR D 180 6.28 -13.14 -2.90
C TYR D 180 7.19 -12.31 -3.80
N ASP D 181 6.62 -11.26 -4.37
CA ASP D 181 7.28 -10.46 -5.40
C ASP D 181 7.59 -9.07 -4.87
N ALA D 182 8.85 -8.66 -5.02
CA ALA D 182 9.26 -7.29 -4.79
C ALA D 182 9.22 -6.51 -6.10
N ASN D 183 9.21 -5.17 -5.98
CA ASN D 183 9.14 -4.34 -7.18
C ASN D 183 10.35 -4.57 -8.08
N LYS D 184 11.55 -4.24 -7.58
CA LYS D 184 12.81 -4.47 -8.27
C LYS D 184 12.77 -4.01 -9.72
N ARG D 185 12.32 -2.77 -9.96
CA ARG D 185 12.24 -2.24 -11.32
C ARG D 185 13.56 -1.69 -11.83
N HIS D 186 14.54 -1.48 -10.94
CA HIS D 186 15.87 -1.05 -11.35
C HIS D 186 16.60 -2.10 -12.16
N ARG D 187 16.14 -3.35 -12.14
CA ARG D 187 16.67 -4.40 -13.01
C ARG D 187 16.02 -4.40 -14.38
N VAL D 188 14.69 -4.27 -14.43
CA VAL D 188 14.00 -4.21 -15.72
C VAL D 188 14.44 -2.98 -16.51
N PHE D 189 14.51 -1.83 -15.83
CA PHE D 189 14.92 -0.61 -16.51
C PHE D 189 16.35 -0.73 -17.04
N LEU D 190 17.25 -1.27 -16.23
CA LEU D 190 18.64 -1.44 -16.68
C LEU D 190 18.74 -2.41 -17.84
N LEU D 191 17.98 -3.50 -17.79
CA LEU D 191 18.01 -4.48 -18.88
C LEU D 191 17.52 -3.87 -20.18
N ILE D 192 16.41 -3.13 -20.13
CA ILE D 192 15.88 -2.50 -21.34
C ILE D 192 16.87 -1.46 -21.87
N GLY D 193 17.44 -0.65 -20.97
CA GLY D 193 18.39 0.37 -21.41
C GLY D 193 19.61 -0.23 -22.07
N MET D 194 20.18 -1.28 -21.48
CA MET D 194 21.34 -1.93 -22.08
C MET D 194 20.98 -2.59 -23.40
N CYS D 195 19.80 -3.22 -23.48
CA CYS D 195 19.37 -3.85 -24.72
C CYS D 195 19.28 -2.85 -25.85
N TRP D 196 18.72 -1.66 -25.58
CA TRP D 196 18.64 -0.65 -26.62
C TRP D 196 20.01 -0.07 -26.95
N LEU D 197 20.81 0.25 -25.93
CA LEU D 197 22.06 0.96 -26.15
C LEU D 197 23.07 0.09 -26.89
N ILE D 198 23.12 -1.21 -26.58
CA ILE D 198 24.02 -2.10 -27.31
C ILE D 198 23.65 -2.14 -28.79
N ALA D 199 22.34 -2.19 -29.08
CA ALA D 199 21.89 -2.23 -30.47
C ALA D 199 22.29 -0.95 -31.21
N PHE D 200 22.06 0.21 -30.60
CA PHE D 200 22.44 1.45 -31.27
C PHE D 200 23.96 1.55 -31.45
N THR D 201 24.73 1.15 -30.43
CA THR D 201 26.18 1.21 -30.55
C THR D 201 26.67 0.30 -31.67
N LEU D 202 26.16 -0.92 -31.74
CA LEU D 202 26.58 -1.86 -32.77
C LEU D 202 26.17 -1.37 -34.16
N GLY D 203 24.98 -0.78 -34.28
CA GLY D 203 24.55 -0.26 -35.57
C GLY D 203 25.36 0.93 -36.04
N ALA D 204 25.70 1.83 -35.11
CA ALA D 204 26.43 3.03 -35.48
C ALA D 204 27.94 2.83 -35.56
N LEU D 205 28.46 1.71 -35.06
CA LEU D 205 29.89 1.47 -35.13
C LEU D 205 30.45 1.38 -36.55
N PRO D 206 29.88 0.57 -37.46
CA PRO D 206 30.57 0.38 -38.75
C PRO D 206 30.60 1.63 -39.62
N ILE D 207 29.58 2.48 -39.56
CA ILE D 207 29.57 3.68 -40.38
C ILE D 207 30.63 4.67 -39.91
N LEU D 208 30.80 4.80 -38.59
CA LEU D 208 31.75 5.76 -38.03
C LEU D 208 33.12 5.14 -37.80
N GLY D 209 33.18 3.87 -37.41
CA GLY D 209 34.44 3.22 -37.13
C GLY D 209 35.12 2.65 -38.36
N TRP D 210 35.64 1.43 -38.25
CA TRP D 210 36.32 0.80 -39.37
C TRP D 210 35.33 0.49 -40.49
N ASN D 211 35.84 0.54 -41.73
CA ASN D 211 34.99 0.45 -42.90
C ASN D 211 35.80 -0.18 -44.04
N CYS D 212 35.10 -0.51 -45.13
CA CYS D 212 35.70 -1.02 -46.36
C CYS D 212 35.19 -0.14 -47.50
N LEU D 213 35.85 1.00 -47.69
CA LEU D 213 35.40 2.01 -48.64
C LEU D 213 36.41 2.27 -49.76
N HIS D 214 37.66 2.58 -49.42
CA HIS D 214 38.66 2.88 -50.44
C HIS D 214 39.47 1.64 -50.80
N ASN D 215 40.17 1.06 -49.84
CA ASN D 215 40.90 -0.18 -50.08
C ASN D 215 39.92 -1.35 -50.10
N LEU D 216 40.37 -2.46 -50.69
CA LEU D 216 39.54 -3.66 -50.82
C LEU D 216 40.28 -4.91 -50.34
N PRO D 217 40.68 -4.99 -49.05
CA PRO D 217 41.17 -6.28 -48.55
C PRO D 217 40.06 -7.20 -48.07
N ASP D 218 38.94 -6.63 -47.61
CA ASP D 218 37.96 -7.42 -46.86
C ASP D 218 36.51 -7.08 -47.18
N CYS D 219 36.23 -6.35 -48.26
CA CYS D 219 34.85 -6.03 -48.61
C CYS D 219 34.06 -7.30 -48.88
N SER D 220 32.86 -7.38 -48.30
CA SER D 220 32.04 -8.58 -48.37
C SER D 220 31.28 -8.65 -49.70
N THR D 221 30.61 -9.76 -49.92
CA THR D 221 29.89 -10.01 -51.18
C THR D 221 28.44 -9.57 -51.10
N ILE D 222 27.71 -10.01 -50.08
CA ILE D 222 26.30 -9.63 -49.94
C ILE D 222 26.18 -8.11 -49.76
N LEU D 223 27.01 -7.55 -48.89
CA LEU D 223 27.05 -6.10 -48.65
C LEU D 223 28.44 -5.61 -49.02
N PRO D 224 28.61 -5.01 -50.21
CA PRO D 224 29.97 -4.69 -50.69
C PRO D 224 30.75 -3.75 -49.79
N LEU D 225 30.09 -2.82 -49.11
CA LEU D 225 30.83 -1.82 -48.34
C LEU D 225 31.25 -2.31 -46.96
N TYR D 226 30.78 -3.47 -46.51
CA TYR D 226 31.07 -3.96 -45.18
C TYR D 226 32.28 -4.90 -45.20
N SER D 227 33.03 -4.89 -44.09
CA SER D 227 34.24 -5.68 -43.96
C SER D 227 33.95 -7.03 -43.31
N LYS D 228 34.91 -7.94 -43.45
CA LYS D 228 34.76 -9.28 -42.89
C LYS D 228 34.80 -9.26 -41.36
N LYS D 229 35.67 -8.44 -40.78
CA LYS D 229 35.90 -8.48 -39.34
C LYS D 229 34.65 -8.08 -38.57
N TYR D 230 33.93 -7.06 -39.06
CA TYR D 230 32.70 -6.64 -38.41
C TYR D 230 31.65 -7.75 -38.46
N ILE D 231 31.56 -8.44 -39.60
CA ILE D 231 30.62 -9.55 -39.72
C ILE D 231 30.98 -10.67 -38.75
N ALA D 232 32.28 -10.96 -38.63
CA ALA D 232 32.72 -11.99 -37.69
C ALA D 232 32.39 -11.60 -36.25
N PHE D 233 32.58 -10.33 -35.91
CA PHE D 233 32.21 -9.85 -34.57
C PHE D 233 30.72 -10.02 -34.32
N CYS D 234 29.89 -9.69 -35.32
CA CYS D 234 28.45 -9.88 -35.17
C CYS D 234 28.10 -11.35 -35.00
N ILE D 235 28.76 -12.23 -35.75
CA ILE D 235 28.53 -13.67 -35.62
C ILE D 235 28.89 -14.13 -34.22
N SER D 236 30.02 -13.66 -33.69
CA SER D 236 30.42 -14.04 -32.32
C SER D 236 29.40 -13.57 -31.30
N ILE D 237 28.91 -12.33 -31.44
CA ILE D 237 27.90 -11.82 -30.52
C ILE D 237 26.63 -12.68 -30.59
N PHE D 238 26.18 -12.99 -31.81
CA PHE D 238 24.96 -13.76 -31.97
C PHE D 238 25.09 -15.15 -31.38
N THR D 239 26.22 -15.83 -31.64
CA THR D 239 26.37 -17.18 -31.10
C THR D 239 26.53 -17.16 -29.58
N ALA D 240 27.16 -16.14 -29.02
CA ALA D 240 27.23 -16.02 -27.57
C ALA D 240 25.83 -15.85 -26.98
N ILE D 241 25.01 -15.01 -27.60
CA ILE D 241 23.64 -14.80 -27.12
C ILE D 241 22.85 -16.12 -27.20
N LEU D 242 22.99 -16.85 -28.31
CA LEU D 242 22.26 -18.10 -28.46
C LEU D 242 22.68 -19.12 -27.41
N VAL D 243 24.00 -19.25 -27.18
CA VAL D 243 24.49 -20.21 -26.18
C VAL D 243 24.01 -19.82 -24.80
N THR D 244 24.04 -18.52 -24.46
CA THR D 244 23.58 -18.09 -23.15
C THR D 244 22.10 -18.40 -22.96
N ILE D 245 21.28 -18.15 -23.99
CA ILE D 245 19.85 -18.41 -23.88
C ILE D 245 19.60 -19.91 -23.68
N VAL D 246 20.30 -20.74 -24.46
CA VAL D 246 20.12 -22.18 -24.36
C VAL D 246 20.51 -22.67 -22.97
N ILE D 247 21.66 -22.19 -22.45
CA ILE D 247 22.12 -22.60 -21.14
C ILE D 247 21.13 -22.18 -20.06
N LEU D 248 20.61 -20.95 -20.16
CA LEU D 248 19.66 -20.48 -19.16
C LEU D 248 18.39 -21.33 -19.16
N TYR D 249 17.86 -21.63 -20.34
CA TYR D 249 16.64 -22.44 -20.39
C TYR D 249 16.88 -23.85 -19.88
N ALA D 250 18.03 -24.45 -20.22
CA ALA D 250 18.35 -25.77 -19.72
C ALA D 250 18.48 -25.77 -18.20
N ARG D 251 19.11 -24.73 -17.64
CA ARG D 251 19.25 -24.64 -16.19
C ARG D 251 17.89 -24.49 -15.52
N ILE D 252 17.00 -23.69 -16.11
CA ILE D 252 15.67 -23.52 -15.54
C ILE D 252 14.92 -24.85 -15.54
N TYR D 253 14.98 -25.58 -16.66
CA TYR D 253 14.32 -26.87 -16.73
C TYR D 253 14.88 -27.85 -15.70
N PHE D 254 16.21 -27.89 -15.58
CA PHE D 254 16.83 -28.82 -14.64
C PHE D 254 16.44 -28.49 -13.20
N LEU D 255 16.44 -27.20 -12.84
CA LEU D 255 16.04 -26.81 -11.49
C LEU D 255 14.58 -27.16 -11.23
N VAL D 256 13.70 -26.92 -12.20
CA VAL D 256 12.28 -27.21 -12.01
C VAL D 256 12.08 -28.72 -11.80
N LYS D 257 12.73 -29.53 -12.64
CA LYS D 257 12.58 -30.98 -12.52
C LYS D 257 13.13 -31.48 -11.19
N SER D 258 14.29 -30.97 -10.77
CA SER D 258 14.88 -31.40 -9.50
C SER D 258 13.97 -31.03 -8.34
N SER D 259 13.41 -29.81 -8.35
CA SER D 259 12.52 -29.41 -7.27
C SER D 259 11.24 -30.23 -7.25
N SER D 260 10.68 -30.52 -8.43
CA SER D 260 9.41 -31.23 -8.51
C SER D 260 9.55 -32.74 -8.35
N ARG D 261 10.77 -33.27 -8.38
CA ARG D 261 10.95 -34.71 -8.26
C ARG D 261 10.52 -35.22 -6.88
N LYS D 262 10.79 -34.44 -5.82
CA LYS D 262 10.64 -34.94 -4.46
C LYS D 262 9.19 -35.29 -4.15
N VAL D 263 8.26 -34.39 -4.44
CA VAL D 263 6.86 -34.62 -4.08
C VAL D 263 6.29 -35.79 -4.87
N ALA D 264 6.58 -35.83 -6.18
CA ALA D 264 6.15 -36.92 -7.07
C ALA D 264 4.63 -37.04 -7.11
N ASN D 265 4.00 -35.95 -7.55
CA ASN D 265 2.56 -35.92 -7.77
C ASN D 265 2.26 -35.90 -9.27
N HIS D 266 1.02 -36.30 -9.61
CA HIS D 266 0.61 -36.32 -11.01
C HIS D 266 0.59 -34.91 -11.59
N ASN D 267 0.06 -33.95 -10.83
CA ASN D 267 0.02 -32.57 -11.30
C ASN D 267 1.43 -32.02 -11.49
N ASN D 268 2.34 -32.34 -10.58
CA ASN D 268 3.73 -31.89 -10.71
C ASN D 268 4.39 -32.48 -11.94
N SER D 269 4.15 -33.78 -12.21
CA SER D 269 4.72 -34.40 -13.40
C SER D 269 4.16 -33.78 -14.67
N GLU D 270 2.85 -33.49 -14.69
CA GLU D 270 2.25 -32.84 -15.84
C GLU D 270 2.84 -31.45 -16.04
N ARG D 271 3.04 -30.71 -14.96
CA ARG D 271 3.64 -29.37 -15.06
C ARG D 271 5.07 -29.46 -15.59
N SER D 272 5.84 -30.45 -15.12
CA SER D 272 7.21 -30.62 -15.61
C SER D 272 7.22 -30.95 -17.10
N MET D 273 6.33 -31.84 -17.54
CA MET D 273 6.26 -32.18 -18.96
C MET D 273 5.87 -30.98 -19.80
N ALA D 274 4.90 -30.18 -19.32
CA ALA D 274 4.49 -28.99 -20.04
C ALA D 274 5.63 -27.99 -20.14
N LEU D 275 6.38 -27.81 -19.05
CA LEU D 275 7.53 -26.91 -19.08
C LEU D 275 8.59 -27.41 -20.06
N LEU D 276 8.84 -28.71 -20.07
CA LEU D 276 9.81 -29.28 -21.01
C LEU D 276 9.39 -28.99 -22.46
N ARG D 277 8.11 -29.24 -22.77
CA ARG D 277 7.62 -28.98 -24.12
C ARG D 277 7.73 -27.50 -24.48
N THR D 278 7.36 -26.61 -23.55
CA THR D 278 7.41 -25.19 -23.83
C THR D 278 8.84 -24.72 -24.08
N VAL D 279 9.78 -25.16 -23.24
CA VAL D 279 11.18 -24.76 -23.40
C VAL D 279 11.73 -25.30 -24.71
N VAL D 280 11.42 -26.56 -25.03
CA VAL D 280 11.91 -27.16 -26.28
C VAL D 280 11.39 -26.36 -27.47
N ILE D 281 10.10 -26.01 -27.46
CA ILE D 281 9.54 -25.25 -28.57
C ILE D 281 10.21 -23.89 -28.67
N VAL D 282 10.36 -23.21 -27.53
CA VAL D 282 10.92 -21.86 -27.52
C VAL D 282 12.33 -21.86 -28.11
N VAL D 283 13.17 -22.80 -27.67
CA VAL D 283 14.54 -22.83 -28.15
C VAL D 283 14.60 -23.27 -29.60
N SER D 284 13.82 -24.31 -29.97
CA SER D 284 13.91 -24.88 -31.30
C SER D 284 13.42 -23.91 -32.37
N VAL D 285 12.34 -23.17 -32.11
CA VAL D 285 11.84 -22.23 -33.10
C VAL D 285 12.88 -21.15 -33.37
N PHE D 286 13.49 -20.62 -32.32
CA PHE D 286 14.50 -19.58 -32.48
C PHE D 286 15.70 -20.10 -33.27
N ILE D 287 16.17 -21.31 -32.92
CA ILE D 287 17.32 -21.88 -33.64
C ILE D 287 16.98 -22.09 -35.11
N ALA D 288 15.80 -22.68 -35.38
CA ALA D 288 15.42 -22.95 -36.76
C ALA D 288 15.28 -21.68 -37.57
N CYS D 289 14.74 -20.62 -36.97
CA CYS D 289 14.56 -19.38 -37.70
C CYS D 289 15.89 -18.68 -37.95
N TRP D 290 16.80 -18.68 -36.97
CA TRP D 290 18.00 -17.86 -37.06
C TRP D 290 19.23 -18.61 -37.56
N SER D 291 19.14 -19.93 -37.75
CA SER D 291 20.30 -20.68 -38.24
C SER D 291 20.71 -20.31 -39.66
N PRO D 292 19.81 -20.26 -40.65
CA PRO D 292 20.28 -20.09 -42.04
C PRO D 292 21.07 -18.80 -42.28
N LEU D 293 20.67 -17.69 -41.64
CA LEU D 293 21.43 -16.46 -41.81
C LEU D 293 22.82 -16.59 -41.19
N PHE D 294 22.91 -17.26 -40.04
CA PHE D 294 24.21 -17.53 -39.42
C PHE D 294 25.09 -18.35 -40.35
N ILE D 295 24.52 -19.39 -40.98
CA ILE D 295 25.28 -20.22 -41.90
C ILE D 295 25.74 -19.41 -43.11
N LEU D 296 24.85 -18.57 -43.65
CA LEU D 296 25.20 -17.77 -44.82
C LEU D 296 26.32 -16.79 -44.51
N PHE D 297 26.24 -16.12 -43.36
CA PHE D 297 27.30 -15.18 -42.99
C PHE D 297 28.61 -15.91 -42.70
N LEU D 298 28.55 -17.09 -42.09
CA LEU D 298 29.77 -17.86 -41.89
C LEU D 298 30.40 -18.26 -43.22
N ILE D 299 29.57 -18.65 -44.19
CA ILE D 299 30.09 -18.99 -45.53
C ILE D 299 30.71 -17.76 -46.17
N ASP D 300 30.05 -16.61 -46.05
CA ASP D 300 30.60 -15.37 -46.61
C ASP D 300 31.95 -15.04 -46.01
N VAL D 301 32.08 -15.19 -44.69
CA VAL D 301 33.36 -14.93 -44.03
C VAL D 301 34.41 -15.92 -44.53
N ALA D 302 34.06 -17.21 -44.61
CA ALA D 302 35.04 -18.21 -45.02
C ALA D 302 35.37 -18.13 -46.50
N CYS D 303 34.35 -17.97 -47.35
CA CYS D 303 34.57 -18.02 -48.79
C CYS D 303 35.27 -16.75 -49.29
N ARG D 304 35.94 -16.88 -50.43
CA ARG D 304 36.63 -15.77 -51.05
C ARG D 304 35.65 -14.96 -51.91
N VAL D 305 36.20 -13.99 -52.65
CA VAL D 305 35.39 -13.12 -53.49
C VAL D 305 35.03 -13.86 -54.78
N GLN D 306 33.74 -13.91 -55.08
CA GLN D 306 33.21 -14.50 -56.31
C GLN D 306 33.48 -16.00 -56.39
N ALA D 307 34.05 -16.59 -55.34
CA ALA D 307 34.33 -18.01 -55.36
C ALA D 307 33.06 -18.84 -55.18
N CYS D 308 32.18 -18.42 -54.27
CA CYS D 308 30.97 -19.17 -53.97
C CYS D 308 29.81 -18.60 -54.76
N PRO D 309 29.15 -19.39 -55.62
CA PRO D 309 28.00 -18.89 -56.39
C PRO D 309 26.65 -19.05 -55.70
N ILE D 310 26.62 -19.50 -54.44
CA ILE D 310 25.36 -19.67 -53.72
C ILE D 310 24.99 -18.43 -52.91
N LEU D 311 25.91 -17.46 -52.78
CA LEU D 311 25.67 -16.28 -51.97
C LEU D 311 24.74 -15.28 -52.64
N PHE D 312 24.36 -15.49 -53.90
CA PHE D 312 23.60 -14.49 -54.64
C PHE D 312 22.21 -14.27 -54.04
N LYS D 313 21.50 -15.34 -53.73
CA LYS D 313 20.12 -15.21 -53.25
C LYS D 313 20.07 -15.00 -51.73
N ALA D 314 20.91 -14.09 -51.24
CA ALA D 314 20.99 -13.85 -49.81
C ALA D 314 19.67 -13.33 -49.28
N GLN D 315 18.99 -12.48 -50.05
CA GLN D 315 17.70 -11.95 -49.63
C GLN D 315 16.72 -13.06 -49.28
N TRP D 316 16.82 -14.21 -49.95
CA TRP D 316 15.96 -15.34 -49.60
C TRP D 316 16.14 -15.70 -48.13
N PHE D 317 17.38 -15.96 -47.71
CA PHE D 317 17.63 -16.25 -46.31
C PHE D 317 17.13 -15.13 -45.42
N ILE D 318 17.19 -13.90 -45.91
CA ILE D 318 16.78 -12.75 -45.11
C ILE D 318 15.34 -12.88 -44.68
N VAL D 319 14.46 -13.38 -45.57
CA VAL D 319 13.05 -13.43 -45.20
C VAL D 319 12.85 -14.38 -44.03
N LEU D 320 13.70 -15.42 -43.92
CA LEU D 320 13.62 -16.30 -42.77
C LEU D 320 13.88 -15.54 -41.48
N ALA D 321 14.88 -14.65 -41.49
CA ALA D 321 15.11 -13.79 -40.34
C ALA D 321 13.90 -12.91 -40.06
N VAL D 322 13.19 -12.49 -41.10
CA VAL D 322 11.94 -11.77 -40.89
C VAL D 322 10.88 -12.68 -40.30
N LEU D 323 10.87 -13.95 -40.71
CA LEU D 323 9.86 -14.88 -40.22
C LEU D 323 9.95 -15.07 -38.71
N ASN D 324 11.16 -14.99 -38.15
CA ASN D 324 11.30 -15.06 -36.70
C ASN D 324 10.51 -13.96 -36.02
N SER D 325 10.47 -12.77 -36.63
CA SER D 325 9.70 -11.66 -36.06
C SER D 325 8.22 -11.99 -35.98
N ALA D 326 7.74 -12.94 -36.78
CA ALA D 326 6.35 -13.39 -36.65
C ALA D 326 6.17 -14.32 -35.46
N MET D 327 7.18 -15.16 -35.19
CA MET D 327 7.03 -16.20 -34.18
C MET D 327 7.12 -15.65 -32.75
N ASN D 328 7.87 -14.56 -32.54
CA ASN D 328 8.03 -14.04 -31.19
C ASN D 328 6.71 -13.58 -30.56
N PRO D 329 5.85 -12.81 -31.23
CA PRO D 329 4.56 -12.48 -30.60
C PRO D 329 3.73 -13.70 -30.25
N VAL D 330 3.74 -14.74 -31.10
CA VAL D 330 2.93 -15.92 -30.83
C VAL D 330 3.49 -16.71 -29.65
N ILE D 331 4.81 -16.90 -29.61
CA ILE D 331 5.42 -17.73 -28.58
C ILE D 331 5.35 -17.05 -27.22
N TYR D 332 5.69 -15.77 -27.15
CA TYR D 332 5.81 -15.08 -25.88
C TYR D 332 4.49 -14.51 -25.36
N THR D 333 3.41 -14.61 -26.12
CA THR D 333 2.13 -14.10 -25.65
C THR D 333 1.01 -15.13 -25.72
N LEU D 334 1.00 -15.99 -26.72
CA LEU D 334 -0.07 -16.96 -26.92
C LEU D 334 0.24 -18.33 -26.33
N ALA D 335 1.36 -18.48 -25.63
CA ALA D 335 1.74 -19.75 -25.03
C ALA D 335 1.65 -19.75 -23.51
N SER D 336 1.33 -18.62 -22.89
CA SER D 336 1.14 -18.54 -21.45
C SER D 336 -0.32 -18.18 -21.16
N LYS D 337 -0.84 -18.73 -20.06
CA LYS D 337 -2.27 -18.62 -19.79
C LYS D 337 -2.72 -17.18 -19.61
N GLU D 338 -2.01 -16.42 -18.77
CA GLU D 338 -2.44 -15.05 -18.49
C GLU D 338 -2.33 -14.16 -19.72
N MET D 339 -1.20 -14.24 -20.44
CA MET D 339 -1.03 -13.42 -21.63
C MET D 339 -2.03 -13.80 -22.71
N ARG D 340 -2.27 -15.10 -22.90
CA ARG D 340 -3.25 -15.53 -23.89
C ARG D 340 -4.66 -15.06 -23.53
N ARG D 341 -5.01 -15.13 -22.25
CA ARG D 341 -6.32 -14.63 -21.82
C ARG D 341 -6.44 -13.13 -22.04
N ALA D 342 -5.38 -12.38 -21.74
CA ALA D 342 -5.41 -10.94 -21.97
C ALA D 342 -5.54 -10.62 -23.45
N PHE D 343 -4.83 -11.35 -24.31
CA PHE D 343 -4.93 -11.13 -25.75
C PHE D 343 -6.32 -11.46 -26.26
N PHE D 344 -6.91 -12.56 -25.77
CA PHE D 344 -8.25 -12.93 -26.19
C PHE D 344 -9.28 -11.90 -25.75
N ARG D 345 -9.14 -11.39 -24.52
CA ARG D 345 -10.05 -10.35 -24.04
C ARG D 345 -9.91 -9.08 -24.85
N LEU D 346 -8.68 -8.69 -25.18
CA LEU D 346 -8.42 -7.50 -25.96
C LEU D 346 -8.71 -7.73 -27.44
N VAL E 2 14.47 15.56 27.49
CA VAL E 2 15.02 16.22 26.31
C VAL E 2 16.02 17.31 26.71
N GLN E 3 17.21 17.25 26.12
CA GLN E 3 18.25 18.23 26.42
C GLN E 3 19.36 18.10 25.38
N LEU E 4 20.08 19.21 25.18
CA LEU E 4 21.26 19.26 24.33
C LEU E 4 22.34 20.04 25.05
N VAL E 5 23.56 19.51 25.05
CA VAL E 5 24.68 20.14 25.74
C VAL E 5 25.83 20.33 24.74
N GLU E 6 26.53 21.45 24.88
CA GLU E 6 27.55 21.88 23.94
C GLU E 6 28.93 21.80 24.56
N SER E 7 29.95 21.75 23.70
CA SER E 7 31.33 21.73 24.15
C SER E 7 32.23 22.21 23.01
N GLY E 8 33.41 22.69 23.39
CA GLY E 8 34.42 23.14 22.44
C GLY E 8 34.83 24.59 22.60
N GLY E 9 34.09 25.38 23.37
CA GLY E 9 34.42 26.79 23.52
C GLY E 9 35.70 27.01 24.30
N GLY E 10 36.31 28.17 24.05
CA GLY E 10 37.54 28.51 24.75
C GLY E 10 38.22 29.69 24.08
N LEU E 11 39.51 29.84 24.37
CA LEU E 11 40.32 30.90 23.79
C LEU E 11 40.98 30.39 22.50
N VAL E 12 40.86 31.16 21.43
CA VAL E 12 41.38 30.77 20.13
C VAL E 12 42.10 31.95 19.50
N GLN E 13 43.26 31.67 18.91
CA GLN E 13 44.00 32.67 18.16
C GLN E 13 43.37 32.87 16.78
N PRO E 14 43.65 34.00 16.13
CA PRO E 14 43.07 34.22 14.79
C PRO E 14 43.34 33.11 13.79
N GLY E 15 44.54 32.54 13.81
CA GLY E 15 44.85 31.46 12.89
C GLY E 15 44.76 30.09 13.52
N GLY E 16 43.65 29.40 13.27
CA GLY E 16 43.48 28.06 13.81
C GLY E 16 42.08 27.54 13.55
N SER E 17 41.90 26.26 13.84
CA SER E 17 40.65 25.56 13.60
C SER E 17 40.07 25.08 14.93
N ARG E 18 38.75 24.95 14.97
CA ARG E 18 38.06 24.57 16.19
C ARG E 18 36.79 23.81 15.83
N LYS E 19 36.57 22.68 16.49
CA LYS E 19 35.37 21.88 16.28
C LYS E 19 34.47 22.00 17.51
N LEU E 20 33.25 22.48 17.29
CA LEU E 20 32.24 22.58 18.34
C LEU E 20 31.35 21.35 18.28
N SER E 21 31.16 20.70 19.42
CA SER E 21 30.37 19.47 19.49
C SER E 21 29.11 19.71 20.29
N CYS E 22 28.02 19.06 19.87
CA CYS E 22 26.75 19.11 20.57
C CYS E 22 26.21 17.70 20.71
N SER E 23 25.87 17.31 21.92
CA SER E 23 25.32 15.99 22.20
C SER E 23 23.91 16.14 22.75
N ALA E 24 22.98 15.38 22.18
CA ALA E 24 21.57 15.45 22.51
C ALA E 24 21.11 14.16 23.16
N SER E 25 20.33 14.28 24.23
CA SER E 25 19.79 13.12 24.93
C SER E 25 18.36 13.39 25.34
N GLY E 26 17.51 12.37 25.22
CA GLY E 26 16.13 12.47 25.64
C GLY E 26 15.10 12.62 24.53
N PHE E 27 15.51 12.51 23.27
CA PHE E 27 14.56 12.57 22.16
C PHE E 27 15.19 11.87 20.96
N ALA E 28 14.44 11.85 19.85
CA ALA E 28 14.88 11.19 18.63
C ALA E 28 15.68 12.20 17.80
N PHE E 29 16.99 12.19 17.99
CA PHE E 29 17.87 13.09 17.25
C PHE E 29 17.92 12.77 15.77
N SER E 30 17.60 11.55 15.37
CA SER E 30 17.74 11.14 13.97
C SER E 30 16.68 11.76 13.07
N SER E 31 15.63 12.38 13.63
CA SER E 31 14.56 12.95 12.83
C SER E 31 14.39 14.45 13.05
N PHE E 32 15.35 15.11 13.69
CA PHE E 32 15.26 16.53 13.98
C PHE E 32 16.34 17.28 13.21
N GLY E 33 15.94 18.24 12.38
CA GLY E 33 16.91 19.13 11.76
C GLY E 33 17.56 20.03 12.79
N MET E 34 18.80 20.42 12.52
CA MET E 34 19.60 21.17 13.47
C MET E 34 20.04 22.51 12.88
N HIS E 35 20.13 23.51 13.76
CA HIS E 35 20.60 24.84 13.39
C HIS E 35 21.69 25.28 14.35
N TRP E 36 22.78 25.80 13.80
CA TRP E 36 23.80 26.51 14.56
C TRP E 36 23.53 27.99 14.44
N VAL E 37 23.36 28.65 15.58
CA VAL E 37 22.99 30.07 15.64
C VAL E 37 24.01 30.81 16.49
N ARG E 38 24.43 31.98 16.00
CA ARG E 38 25.40 32.83 16.67
C ARG E 38 24.70 33.96 17.41
N GLN E 39 25.38 34.49 18.43
CA GLN E 39 24.85 35.62 19.19
C GLN E 39 26.04 36.42 19.71
N ALA E 40 26.26 37.61 19.15
CA ALA E 40 27.36 38.44 19.59
C ALA E 40 27.05 39.05 20.96
N PRO E 41 28.04 39.18 21.84
CA PRO E 41 27.79 39.82 23.13
C PRO E 41 27.38 41.28 22.96
N GLU E 42 26.42 41.71 23.77
CA GLU E 42 25.88 43.07 23.73
C GLU E 42 25.37 43.44 22.34
N LYS E 43 24.84 42.45 21.62
CA LYS E 43 24.32 42.67 20.27
C LYS E 43 23.38 41.52 19.94
N GLY E 44 22.64 41.67 18.85
CA GLY E 44 21.67 40.67 18.46
C GLY E 44 22.30 39.37 18.01
N LEU E 45 21.45 38.36 17.84
CA LEU E 45 21.88 37.02 17.47
C LEU E 45 21.74 36.81 15.97
N GLU E 46 22.63 35.99 15.41
CA GLU E 46 22.73 35.80 13.97
C GLU E 46 22.82 34.31 13.64
N TRP E 47 22.33 33.95 12.46
CA TRP E 47 22.34 32.56 12.01
C TRP E 47 23.73 32.17 11.52
N VAL E 48 24.05 30.89 11.67
CA VAL E 48 25.34 30.35 11.21
C VAL E 48 25.12 29.27 10.17
N ALA E 49 24.42 28.20 10.53
CA ALA E 49 24.33 27.05 9.63
C ALA E 49 23.08 26.24 9.93
N TYR E 50 22.71 25.38 8.99
CA TYR E 50 21.55 24.52 9.11
C TYR E 50 21.81 23.20 8.42
N ILE E 51 21.41 22.11 9.07
CA ILE E 51 21.51 20.77 8.50
C ILE E 51 20.16 20.09 8.65
N SER E 52 19.74 19.40 7.59
CA SER E 52 18.45 18.73 7.56
C SER E 52 18.58 17.28 8.02
N SER E 53 17.42 16.64 8.23
CA SER E 53 17.40 15.24 8.63
C SER E 53 17.92 14.36 7.51
N GLY E 54 18.74 13.37 7.88
CA GLY E 54 19.34 12.49 6.90
C GLY E 54 20.53 13.06 6.17
N SER E 55 21.04 14.22 6.58
CA SER E 55 22.20 14.87 5.95
C SER E 55 21.97 15.08 4.46
N GLY E 56 20.76 15.52 4.11
CA GLY E 56 20.41 15.75 2.71
C GLY E 56 20.63 17.17 2.26
N THR E 57 20.24 18.14 3.11
CA THR E 57 20.35 19.55 2.79
C THR E 57 21.24 20.23 3.81
N ILE E 58 22.20 21.01 3.33
CA ILE E 58 23.13 21.74 4.18
C ILE E 58 23.18 23.19 3.71
N TYR E 59 22.98 24.12 4.64
CA TYR E 59 23.00 25.55 4.34
C TYR E 59 23.99 26.24 5.27
N TYR E 60 24.77 27.16 4.70
CA TYR E 60 25.75 27.93 5.46
C TYR E 60 25.43 29.42 5.36
N ALA E 61 25.96 30.18 6.32
CA ALA E 61 25.80 31.62 6.30
C ALA E 61 26.55 32.22 5.10
N ASP E 62 25.98 33.29 4.54
CA ASP E 62 26.57 33.90 3.35
C ASP E 62 27.96 34.45 3.64
N THR E 63 28.13 35.11 4.79
CA THR E 63 29.43 35.68 5.12
C THR E 63 30.46 34.62 5.50
N VAL E 64 30.02 33.40 5.80
CA VAL E 64 30.93 32.34 6.22
C VAL E 64 30.71 31.14 5.29
N LYS E 65 30.19 31.40 4.09
CA LYS E 65 29.95 30.32 3.13
C LYS E 65 31.27 29.72 2.65
N GLY E 66 31.32 28.40 2.61
CA GLY E 66 32.55 27.72 2.24
C GLY E 66 33.65 27.81 3.27
N ARG E 67 33.35 28.31 4.46
CA ARG E 67 34.34 28.60 5.49
C ARG E 67 34.14 27.77 6.75
N PHE E 68 32.90 27.43 7.10
CA PHE E 68 32.60 26.46 8.15
C PHE E 68 32.01 25.20 7.53
N THR E 69 32.01 24.12 8.31
CA THR E 69 31.47 22.84 7.89
C THR E 69 30.59 22.28 9.01
N ILE E 70 29.53 21.58 8.62
CA ILE E 70 28.60 20.97 9.57
C ILE E 70 28.49 19.49 9.26
N SER E 71 28.37 18.67 10.31
CA SER E 71 28.23 17.23 10.15
C SER E 71 27.34 16.68 11.26
N ARG E 72 26.73 15.53 10.98
CA ARG E 72 25.76 14.90 11.85
C ARG E 72 26.10 13.43 12.04
N ASP E 73 25.82 12.91 13.23
CA ASP E 73 26.02 11.49 13.54
C ASP E 73 24.78 10.99 14.27
N ASP E 74 24.00 10.14 13.60
CA ASP E 74 22.77 9.59 14.15
C ASP E 74 23.01 8.44 15.13
N PRO E 75 23.91 7.49 14.86
CA PRO E 75 24.16 6.44 15.88
C PRO E 75 24.62 6.99 17.22
N LYS E 76 25.41 8.06 17.22
CA LYS E 76 25.88 8.66 18.46
C LYS E 76 25.12 9.93 18.84
N ASN E 77 24.24 10.42 17.97
CA ASN E 77 23.43 11.61 18.24
C ASN E 77 24.32 12.82 18.56
N THR E 78 25.26 13.10 17.66
CA THR E 78 26.21 14.16 17.90
C THR E 78 26.32 15.05 16.65
N LEU E 79 26.30 16.36 16.87
CA LEU E 79 26.41 17.35 15.81
C LEU E 79 27.75 18.06 15.93
N PHE E 80 28.48 18.13 14.82
CA PHE E 80 29.81 18.76 14.79
C PHE E 80 29.79 19.97 13.88
N LEU E 81 30.44 21.04 14.33
CA LEU E 81 30.65 22.25 13.54
C LEU E 81 32.14 22.53 13.49
N GLN E 82 32.75 22.33 12.34
CA GLN E 82 34.19 22.53 12.15
C GLN E 82 34.44 23.91 11.57
N MET E 83 35.35 24.66 12.19
CA MET E 83 35.67 26.01 11.78
C MET E 83 37.15 26.08 11.44
N THR E 84 37.45 26.57 10.23
CA THR E 84 38.82 26.59 9.70
C THR E 84 39.54 27.89 10.00
N SER E 85 38.86 29.03 9.81
CA SER E 85 39.43 30.33 10.08
C SER E 85 38.50 31.12 11.00
N LEU E 86 39.08 31.87 11.92
CA LEU E 86 38.33 32.70 12.86
C LEU E 86 38.96 34.08 12.90
N ARG E 87 38.24 35.08 12.39
CA ARG E 87 38.73 36.46 12.37
C ARG E 87 38.33 37.15 13.67
N SER E 88 38.51 38.48 13.70
CA SER E 88 38.20 39.25 14.91
C SER E 88 36.70 39.36 15.15
N GLU E 89 35.87 39.09 14.15
CA GLU E 89 34.42 39.19 14.27
C GLU E 89 33.77 37.86 14.64
N ASP E 90 34.56 36.83 14.93
CA ASP E 90 34.04 35.51 15.26
C ASP E 90 34.04 35.25 16.77
N THR E 91 33.81 36.29 17.57
CA THR E 91 33.69 36.16 19.02
C THR E 91 32.22 36.34 19.40
N ALA E 92 31.61 35.28 19.93
CA ALA E 92 30.18 35.28 20.23
C ALA E 92 29.83 33.96 20.93
N MET E 93 28.56 33.83 21.27
CA MET E 93 28.02 32.57 21.80
C MET E 93 27.37 31.78 20.67
N TYR E 94 27.41 30.46 20.79
CA TYR E 94 26.86 29.56 19.79
C TYR E 94 25.83 28.65 20.43
N TYR E 95 24.71 28.46 19.73
CA TYR E 95 23.61 27.65 20.21
C TYR E 95 23.17 26.67 19.14
N CYS E 96 22.69 25.51 19.58
CA CYS E 96 22.13 24.49 18.71
C CYS E 96 20.63 24.39 18.94
N VAL E 97 19.86 24.46 17.85
CA VAL E 97 18.41 24.48 17.91
C VAL E 97 17.87 23.30 17.10
N ARG E 98 16.99 22.52 17.72
CA ARG E 98 16.30 21.44 17.02
C ARG E 98 15.04 21.99 16.36
N SER E 99 14.67 21.38 15.24
CA SER E 99 13.47 21.80 14.51
C SER E 99 13.06 20.68 13.56
N ILE E 100 11.80 20.26 13.67
CA ILE E 100 11.24 19.22 12.82
C ILE E 100 10.12 19.85 11.99
N TYR E 101 10.05 19.47 10.71
CA TYR E 101 9.17 20.13 9.75
C TYR E 101 8.13 19.14 9.22
N TYR E 102 6.88 19.34 9.61
CA TYR E 102 5.74 18.67 8.99
C TYR E 102 4.52 19.54 9.24
N TYR E 103 3.36 19.09 8.76
CA TYR E 103 2.14 19.85 8.97
C TYR E 103 1.79 19.90 10.45
N GLY E 104 1.58 21.10 10.97
CA GLY E 104 1.30 21.30 12.37
C GLY E 104 2.51 21.32 13.27
N SER E 105 3.71 21.15 12.72
CA SER E 105 4.91 21.16 13.53
C SER E 105 5.28 22.58 13.94
N SER E 106 6.10 22.68 14.98
CA SER E 106 6.55 23.96 15.52
C SER E 106 8.08 23.95 15.55
N PRO E 107 8.73 24.47 14.52
CA PRO E 107 10.20 24.53 14.53
C PRO E 107 10.72 25.47 15.61
N PHE E 108 11.98 25.26 15.97
CA PHE E 108 12.70 26.06 16.97
C PHE E 108 12.05 25.94 18.35
N ASP E 109 12.05 24.72 18.88
CA ASP E 109 11.46 24.44 20.18
C ASP E 109 12.48 24.50 21.32
N PHE E 110 13.60 23.81 21.17
CA PHE E 110 14.61 23.72 22.22
C PHE E 110 15.92 24.31 21.73
N TRP E 111 16.59 25.07 22.60
CA TRP E 111 17.75 25.85 22.20
C TRP E 111 19.06 25.39 22.85
N GLY E 112 19.02 24.42 23.75
CA GLY E 112 20.26 24.03 24.42
C GLY E 112 20.75 25.12 25.35
N GLN E 113 22.07 25.20 25.51
CA GLN E 113 22.67 26.22 26.35
C GLN E 113 23.78 26.97 25.61
N GLY E 114 24.38 26.32 24.62
CA GLY E 114 25.41 26.97 23.83
C GLY E 114 26.74 27.07 24.57
N THR E 115 27.71 27.65 23.87
CA THR E 115 29.03 27.87 24.46
C THR E 115 29.62 29.14 23.86
N THR E 116 30.48 29.80 24.64
CA THR E 116 31.09 31.04 24.23
C THR E 116 32.38 30.79 23.47
N LEU E 117 32.77 31.75 22.63
CA LEU E 117 34.00 31.66 21.86
C LEU E 117 34.57 33.05 21.69
N THR E 118 35.77 33.28 22.21
CA THR E 118 36.46 34.56 22.12
C THR E 118 37.73 34.40 21.31
N VAL E 119 38.00 35.37 20.45
CA VAL E 119 39.19 35.38 19.61
C VAL E 119 40.14 36.45 20.12
N SER E 120 41.44 36.12 20.13
CA SER E 120 42.47 37.04 20.61
C SER E 120 42.84 38.00 19.48
N SER E 121 42.02 39.04 19.32
CA SER E 121 42.23 40.04 18.28
C SER E 121 43.43 40.93 18.63
N SER E 136 17.43 41.85 -1.86
CA SER E 136 17.79 40.44 -1.75
C SER E 136 17.30 39.85 -0.44
N ASP E 137 18.17 39.84 0.57
CA ASP E 137 17.81 39.30 1.86
C ASP E 137 16.84 40.22 2.59
N ILE E 138 15.81 39.63 3.17
CA ILE E 138 14.84 40.41 3.93
C ILE E 138 15.45 40.82 5.26
N VAL E 139 15.42 42.12 5.55
CA VAL E 139 16.06 42.68 6.73
C VAL E 139 15.02 42.86 7.83
N MET E 140 15.39 42.52 9.05
CA MET E 140 14.56 42.70 10.24
C MET E 140 15.14 43.83 11.08
N THR E 141 14.28 44.76 11.49
CA THR E 141 14.72 45.89 12.31
C THR E 141 13.62 46.28 13.27
N GLN E 142 14.03 46.77 14.44
CA GLN E 142 13.12 47.27 15.47
C GLN E 142 13.54 48.67 15.85
N ALA E 143 12.59 49.60 15.85
CA ALA E 143 12.90 51.00 16.13
C ALA E 143 13.39 51.19 17.56
N THR E 144 12.74 50.53 18.52
CA THR E 144 13.09 50.69 19.92
C THR E 144 14.06 49.60 20.37
N SER E 145 14.79 49.89 21.45
CA SER E 145 15.72 48.95 22.03
C SER E 145 15.65 48.84 23.55
N SER E 146 14.95 49.76 24.23
CA SER E 146 14.82 49.71 25.68
C SER E 146 13.54 50.42 26.07
N VAL E 147 12.56 49.67 26.55
CA VAL E 147 11.26 50.21 26.93
C VAL E 147 11.05 49.94 28.42
N PRO E 148 11.28 50.95 29.27
CA PRO E 148 10.95 50.79 30.69
C PRO E 148 9.46 50.59 30.88
N VAL E 149 9.10 49.73 31.84
CA VAL E 149 7.71 49.37 32.07
C VAL E 149 7.61 48.76 33.46
N THR E 150 6.43 48.90 34.07
CA THR E 150 6.12 48.34 35.38
C THR E 150 5.20 47.13 35.24
N PRO E 151 5.25 46.17 36.15
CA PRO E 151 4.38 45.00 36.05
C PRO E 151 2.92 45.38 36.20
N GLY E 152 2.06 44.63 35.52
CA GLY E 152 0.63 44.82 35.60
C GLY E 152 -0.01 45.59 34.46
N GLU E 153 0.76 45.93 33.41
CA GLU E 153 0.23 46.67 32.28
C GLU E 153 0.64 45.99 30.98
N SER E 154 -0.19 46.14 29.96
CA SER E 154 0.10 45.57 28.66
C SER E 154 1.25 46.32 27.98
N VAL E 155 2.09 45.56 27.28
CA VAL E 155 3.22 46.13 26.55
C VAL E 155 3.24 45.54 25.15
N SER E 156 3.84 46.29 24.22
CA SER E 156 3.93 45.87 22.82
C SER E 156 5.33 46.11 22.29
N ILE E 157 5.83 45.17 21.51
CA ILE E 157 7.15 45.25 20.88
C ILE E 157 6.96 45.08 19.38
N SER E 158 7.55 45.98 18.60
CA SER E 158 7.32 46.07 17.17
C SER E 158 8.56 45.68 16.39
N CYS E 159 8.35 44.94 15.29
CA CYS E 159 9.40 44.57 14.36
C CYS E 159 8.94 44.88 12.94
N ARG E 160 9.91 45.22 12.09
CA ARG E 160 9.67 45.62 10.71
C ARG E 160 10.28 44.61 9.75
N SER E 161 9.79 44.61 8.51
CA SER E 161 10.32 43.76 7.46
C SER E 161 10.39 44.56 6.17
N SER E 162 11.31 44.15 5.30
CA SER E 162 11.50 44.80 4.00
C SER E 162 10.66 44.16 2.89
N LYS E 163 9.99 43.05 3.18
CA LYS E 163 9.17 42.37 2.18
C LYS E 163 8.08 41.61 2.88
N SER E 164 7.03 41.28 2.13
CA SER E 164 5.91 40.51 2.69
C SER E 164 6.35 39.09 2.99
N LEU E 165 6.07 38.63 4.20
CA LEU E 165 6.44 37.29 4.64
C LEU E 165 5.33 36.26 4.41
N LEU E 166 4.20 36.67 3.83
CA LEU E 166 3.09 35.76 3.58
C LEU E 166 3.38 34.98 2.31
N HIS E 167 3.66 33.68 2.47
CA HIS E 167 3.95 32.82 1.32
C HIS E 167 2.64 32.45 0.62
N SER E 168 2.79 31.94 -0.60
CA SER E 168 1.62 31.54 -1.40
C SER E 168 0.85 30.41 -0.73
N ASN E 169 1.51 29.62 0.11
CA ASN E 169 0.83 28.53 0.81
C ASN E 169 -0.24 29.08 1.77
N GLY E 170 0.05 30.19 2.43
CA GLY E 170 -0.93 30.83 3.29
C GLY E 170 -0.53 30.95 4.75
N ASN E 171 0.77 31.00 5.02
CA ASN E 171 1.28 31.20 6.37
C ASN E 171 2.40 32.21 6.36
N THR E 172 2.60 32.86 7.50
CA THR E 172 3.65 33.87 7.66
C THR E 172 4.78 33.27 8.47
N TYR E 173 6.00 33.32 7.94
CA TYR E 173 7.17 32.75 8.60
C TYR E 173 7.79 33.77 9.54
N LEU E 174 7.07 34.05 10.62
CA LEU E 174 7.53 34.96 11.66
C LEU E 174 7.52 34.26 13.00
N TYR E 175 8.56 34.50 13.80
CA TYR E 175 8.71 33.90 15.12
C TYR E 175 9.08 34.98 16.13
N TRP E 176 8.66 34.77 17.37
CA TRP E 176 8.97 35.66 18.48
C TRP E 176 9.53 34.83 19.62
N PHE E 177 10.72 35.21 20.09
CA PHE E 177 11.47 34.49 21.12
C PHE E 177 11.57 35.32 22.39
N LEU E 178 12.29 34.77 23.36
CA LEU E 178 12.54 35.44 24.63
C LEU E 178 13.92 35.02 25.14
N GLN E 179 14.70 35.99 25.60
CA GLN E 179 16.03 35.74 26.15
C GLN E 179 16.15 36.47 27.49
N ARG E 180 15.92 35.74 28.57
CA ARG E 180 16.09 36.31 29.90
C ARG E 180 17.58 36.51 30.19
N PRO E 181 17.92 37.49 31.03
CA PRO E 181 19.34 37.71 31.36
C PRO E 181 19.96 36.49 32.01
N GLY E 182 21.04 36.00 31.39
CA GLY E 182 21.73 34.83 31.90
C GLY E 182 21.05 33.52 31.60
N GLN E 183 20.11 33.49 30.67
CA GLN E 183 19.38 32.28 30.33
C GLN E 183 19.37 32.07 28.83
N SER E 184 19.22 30.81 28.42
CA SER E 184 19.17 30.48 27.01
C SER E 184 17.87 30.98 26.39
N PRO E 185 17.90 31.34 25.10
CA PRO E 185 16.66 31.78 24.44
C PRO E 185 15.63 30.67 24.36
N GLN E 186 14.36 31.07 24.36
CA GLN E 186 13.24 30.15 24.27
C GLN E 186 12.25 30.65 23.23
N LEU E 187 11.31 29.79 22.86
CA LEU E 187 10.32 30.09 21.84
C LEU E 187 9.01 30.56 22.50
N LEU E 188 8.45 31.65 21.99
CA LEU E 188 7.16 32.15 22.43
C LEU E 188 6.08 31.99 21.37
N ILE E 189 6.31 32.52 20.18
CA ILE E 189 5.32 32.51 19.10
C ILE E 189 5.97 31.95 17.85
N TYR E 190 5.30 31.00 17.19
CA TYR E 190 5.76 30.48 15.91
C TYR E 190 4.68 30.68 14.86
N ARG E 191 5.12 31.02 13.64
CA ARG E 191 4.23 31.31 12.51
C ARG E 191 3.33 32.51 12.79
N MET E 192 3.76 33.41 13.67
CA MET E 192 3.19 34.74 13.85
C MET E 192 1.82 34.70 14.51
N SER E 193 1.24 33.52 14.67
CA SER E 193 -0.10 33.41 15.23
C SER E 193 -0.30 32.23 16.17
N ASN E 194 0.74 31.44 16.45
CA ASN E 194 0.61 30.23 17.25
C ASN E 194 1.54 30.29 18.44
N LEU E 195 1.00 29.96 19.62
CA LEU E 195 1.80 29.96 20.84
C LEU E 195 2.60 28.67 20.97
N ALA E 196 3.72 28.76 21.66
CA ALA E 196 4.60 27.61 21.87
C ALA E 196 4.03 26.73 22.97
N SER E 197 4.79 25.71 23.37
CA SER E 197 4.38 24.77 24.40
C SER E 197 5.13 25.06 25.68
N GLY E 198 4.41 25.10 26.79
CA GLY E 198 5.01 25.38 28.08
C GLY E 198 5.14 26.84 28.44
N VAL E 199 4.54 27.74 27.65
CA VAL E 199 4.62 29.18 27.91
C VAL E 199 3.24 29.69 28.30
N PRO E 200 3.16 30.76 29.10
CA PRO E 200 1.84 31.28 29.48
C PRO E 200 1.11 31.91 28.31
N ASP E 201 -0.21 31.95 28.44
CA ASP E 201 -1.08 32.48 27.38
C ASP E 201 -1.04 34.00 27.30
N ARG E 202 -0.35 34.68 28.21
CA ARG E 202 -0.33 36.13 28.20
C ARG E 202 0.31 36.68 26.93
N PHE E 203 1.39 36.05 26.47
CA PHE E 203 2.04 36.51 25.25
C PHE E 203 1.17 36.23 24.03
N SER E 204 1.21 37.14 23.07
CA SER E 204 0.46 36.97 21.83
C SER E 204 1.19 37.70 20.70
N GLY E 205 0.88 37.31 19.48
CA GLY E 205 1.51 37.92 18.31
C GLY E 205 0.49 38.31 17.27
N SER E 206 0.77 39.42 16.58
CA SER E 206 -0.11 39.93 15.54
C SER E 206 0.73 40.52 14.41
N GLY E 207 0.56 39.99 13.21
CA GLY E 207 1.31 40.45 12.05
C GLY E 207 0.38 41.05 11.01
N SER E 208 0.90 42.03 10.27
CA SER E 208 0.13 42.66 9.20
C SER E 208 1.13 43.29 8.23
N GLY E 209 1.21 42.74 7.02
CA GLY E 209 2.14 43.24 6.03
C GLY E 209 3.58 43.17 6.49
N THR E 210 4.17 44.33 6.77
CA THR E 210 5.55 44.43 7.24
C THR E 210 5.64 44.81 8.72
N ALA E 211 4.52 44.90 9.43
CA ALA E 211 4.51 45.31 10.83
C ALA E 211 4.13 44.11 11.70
N PHE E 212 4.99 43.79 12.68
CA PHE E 212 4.76 42.67 13.56
C PHE E 212 4.80 43.14 15.00
N THR E 213 3.85 42.67 15.81
CA THR E 213 3.72 43.13 17.18
C THR E 213 3.60 41.95 18.11
N LEU E 214 4.46 41.91 19.13
CA LEU E 214 4.36 40.96 20.23
C LEU E 214 3.78 41.70 21.42
N THR E 215 2.65 41.21 21.92
CA THR E 215 1.89 41.90 22.97
C THR E 215 1.82 41.03 24.22
N ILE E 216 1.98 41.69 25.37
CA ILE E 216 1.83 41.06 26.67
C ILE E 216 0.72 41.77 27.43
N SER E 217 -0.28 41.01 27.87
CA SER E 217 -1.42 41.59 28.59
C SER E 217 -1.05 41.91 30.03
N ARG E 218 -0.65 40.88 30.79
CA ARG E 218 -0.20 41.05 32.16
C ARG E 218 1.29 40.76 32.22
N LEU E 219 2.06 41.70 32.77
CA LEU E 219 3.50 41.61 32.82
C LEU E 219 3.94 41.24 34.23
N GLU E 220 4.76 40.19 34.34
CA GLU E 220 5.30 39.73 35.62
C GLU E 220 6.80 40.02 35.66
N ALA E 221 7.40 39.72 36.81
CA ALA E 221 8.83 39.94 37.00
C ALA E 221 9.69 39.00 36.19
N GLU E 222 9.13 37.92 35.65
CA GLU E 222 9.88 36.95 34.87
C GLU E 222 9.89 37.25 33.38
N ASP E 223 9.18 38.29 32.94
CA ASP E 223 9.08 38.63 31.52
C ASP E 223 10.16 39.61 31.07
N VAL E 224 11.01 40.09 31.97
CA VAL E 224 12.07 41.00 31.59
C VAL E 224 13.13 40.25 30.78
N GLY E 225 13.73 40.95 29.83
CA GLY E 225 14.74 40.35 28.97
C GLY E 225 14.72 41.00 27.60
N VAL E 226 15.43 40.37 26.67
CA VAL E 226 15.58 40.87 25.32
C VAL E 226 14.75 40.01 24.38
N TYR E 227 13.88 40.65 23.60
CA TYR E 227 13.02 39.97 22.64
C TYR E 227 13.59 40.12 21.23
N TYR E 228 13.38 39.10 20.40
CA TYR E 228 13.87 39.09 19.04
C TYR E 228 12.74 38.68 18.10
N CYS E 229 12.76 39.26 16.90
CA CYS E 229 11.84 38.89 15.83
C CYS E 229 12.60 38.08 14.78
N MET E 230 11.97 37.01 14.30
CA MET E 230 12.63 35.98 13.53
C MET E 230 11.88 35.74 12.23
N GLN E 231 12.62 35.54 11.14
CA GLN E 231 12.03 35.25 9.84
C GLN E 231 12.66 33.98 9.27
N HIS E 232 11.84 33.23 8.51
CA HIS E 232 12.30 31.98 7.91
C HIS E 232 11.83 31.83 6.47
N LEU E 233 11.56 32.93 5.78
CA LEU E 233 11.03 32.84 4.41
C LEU E 233 12.04 32.20 3.47
N GLU E 234 13.31 32.59 3.57
CA GLU E 234 14.34 32.10 2.66
C GLU E 234 15.70 32.23 3.32
N TYR E 235 16.70 31.54 2.74
CA TYR E 235 18.07 31.60 3.19
C TYR E 235 18.87 32.57 2.31
N PRO E 236 19.86 33.28 2.87
CA PRO E 236 20.29 33.24 4.27
C PRO E 236 19.30 33.90 5.23
N LEU E 237 19.32 33.48 6.49
CA LEU E 237 18.37 33.97 7.50
C LEU E 237 18.96 35.19 8.17
N THR E 238 18.62 36.37 7.65
CA THR E 238 19.03 37.62 8.25
C THR E 238 18.10 37.97 9.41
N PHE E 239 18.69 38.39 10.53
CA PHE E 239 17.96 38.59 11.77
C PHE E 239 17.91 40.08 12.13
N GLY E 240 17.12 40.40 13.15
CA GLY E 240 16.95 41.74 13.62
C GLY E 240 17.51 41.95 15.03
N ALA E 241 17.48 43.21 15.45
CA ALA E 241 17.95 43.59 16.77
C ALA E 241 16.81 43.44 17.79
N GLY E 242 17.16 42.96 18.99
CA GLY E 242 16.18 42.75 20.01
C GLY E 242 15.80 44.02 20.76
N THR E 243 14.70 43.94 21.49
CA THR E 243 14.20 45.02 22.33
C THR E 243 14.28 44.57 23.78
N LYS E 244 14.86 45.41 24.64
CA LYS E 244 15.13 45.05 26.02
C LYS E 244 14.05 45.65 26.93
N LEU E 245 13.41 44.79 27.72
CA LEU E 245 12.45 45.21 28.73
C LEU E 245 13.06 44.94 30.10
N GLU E 246 13.15 45.99 30.92
CA GLU E 246 13.80 45.91 32.22
C GLU E 246 12.81 46.30 33.32
N LEU E 247 12.99 45.72 34.49
CA LEU E 247 12.14 46.01 35.64
C LEU E 247 12.52 47.34 36.28
C1 JF9 F . 23.57 -9.18 -32.43
C2 JF9 F . 24.78 -9.21 -33.36
C3 JF9 F . 24.37 -9.02 -34.81
C4 JF9 F . 23.55 -10.24 -35.24
C5 JF9 F . 22.43 -10.56 -34.25
C6 JF9 F . 22.27 -9.46 -33.20
C8 JF9 F . 23.57 -11.25 -37.63
C9 JF9 F . 25.05 -11.61 -37.46
C10 JF9 F . 25.25 -13.05 -36.96
C11 JF9 F . 24.57 -14.15 -37.77
C12 JF9 F . 23.14 -13.76 -38.17
C13 JF9 F . 22.71 -12.50 -37.42
C14 JF9 F . 22.16 -9.11 -37.14
C16 JF9 F . 21.67 -9.05 -38.61
C19 JF9 F . 21.26 -8.28 -40.66
C20 JF9 F . 21.81 -7.94 -39.45
C21 JF9 F . 21.14 -7.42 -41.94
C22 JF9 F . 21.62 -7.61 -43.38
C23 JF9 F . 20.12 -7.65 -43.06
N7 JF9 F . 23.10 -10.18 -36.67
N17 JF9 F . 21.04 -9.99 -39.29
O15 JF9 F . 21.74 -8.27 -36.42
O18 JF9 F . 20.80 -9.51 -40.55
C1 PLM G . 21.83 -9.35 -9.45
O1 PLM G . 22.03 -8.14 -9.19
O2 PLM G . 20.79 -10.04 -9.29
C2 PLM G . 23.07 -10.09 -10.07
C3 PLM G . 23.55 -9.58 -11.44
C4 PLM G . 22.66 -10.04 -12.61
C5 PLM G . 21.45 -9.12 -12.88
C6 PLM G . 21.81 -7.71 -13.35
C7 PLM G . 22.55 -7.67 -14.69
C8 PLM G . 21.79 -8.36 -15.83
C9 PLM G . 22.52 -8.33 -17.18
CA PLM G . 22.76 -6.91 -17.72
CB PLM G . 23.44 -6.89 -19.09
CC PLM G . 22.73 -7.74 -20.15
CD PLM G . 22.99 -7.27 -21.59
CE PLM G . 22.28 -8.11 -22.65
CF PLM G . 20.76 -8.25 -22.42
CG PLM G . 20.01 -6.92 -22.51
C1 PLM H . 22.13 -15.63 -9.92
O1 PLM H . 21.12 -15.81 -9.17
O2 PLM H . 23.35 -15.60 -9.61
C2 PLM H . 21.78 -15.42 -11.43
C3 PLM H . 22.98 -15.24 -12.37
C4 PLM H . 22.61 -14.74 -13.77
C5 PLM H . 23.82 -14.60 -14.71
C6 PLM H . 23.56 -13.73 -15.96
C7 PLM H . 24.71 -13.72 -16.96
C8 PLM H . 24.51 -12.74 -18.13
C9 PLM H . 25.33 -13.10 -19.39
CA PLM H . 26.84 -12.86 -19.23
CB PLM H . 27.69 -13.59 -20.28
CC PLM H . 27.25 -13.33 -21.72
CD PLM H . 27.48 -11.89 -22.19
CE PLM H . 27.17 -11.67 -23.68
CF PLM H . 27.49 -10.25 -24.17
CG PLM H . 27.20 -10.05 -25.67
#